data_7Q61
#
_entry.id   7Q61
#
_cell.length_a   1.00
_cell.length_b   1.00
_cell.length_c   1.00
_cell.angle_alpha   90.00
_cell.angle_beta   90.00
_cell.angle_gamma   90.00
#
_symmetry.space_group_name_H-M   'P 1'
#
loop_
_entity.id
_entity.type
_entity.pdbx_description
1 polymer 'Alpha-2-macroglobulin-like protein 1'
2 branched 2-acetamido-2-deoxy-beta-D-glucopyranose-(1-4)-2-acetamido-2-deoxy-beta-D-glucopyranose
3 non-polymer 2-acetamido-2-deoxy-beta-D-glucopyranose
#
_entity_poly.entity_id   1
_entity_poly.type   'polypeptide(L)'
_entity_poly.pdbx_seq_one_letter_code
;ELPNYLVTLPARLNFPSVQKVCLDLSPGYSDVKFTVTLETKDKTQKLLEYSGLKKRHLHCISFLVPPPAGGTEEVATIRV
SGVGNNISFEEKKKVLIQRQGNGTFVQTDKPLYTPGQQVYFRIVTMDSNFVPVNDKYSMVELQDPNSNRIAQWLEVVPEQ
GIVDLSFQLAPEAMLGTYTVAVAEGKTFGTFSVEEYVLPKFKVEVVEPKELSTVQESFLVKICCRYTYGKPMLGAVQVSV
CQKANTYWYREVEREQLPDKCRNLSGQTDKTGCFSAPVDMATFDLIGYAYSHQINIVATVVEEGTGVEANATQNIYISPQ
MGSMTFEDTSNFYHPNFPFSGKIRVRGHDDSFLKNHLVFLVIYGTNGTFNQTLVTDNNGLAPFTLETSGWNGTDVSLEGK
FQMEDLVYNPEQVPRYYQNAYLHLRPFYSTTRSFLGIHRLNGPLKCGQPQEVLVDYYIDPADASPDQEISFSYYLIGKGS
LVMEGQKHLNSKKKGLKASFSLSLTFTSRLAPDPSLVIYAIFPSGGVVADKIQFSVEMCFDNQVSLGFSPSQQLPGAEVE
LQLQAAPGSLCALRAVDESVLLLRPDRELSNRSVYGMFPFWYGHYPYQVAEYDQCPVSGPWDFPQPLIDPMPQGHSSQRS
IIWRPSFSEGTDLFSFFRDVGLKILSNAKIKKPVDCSHRSPEYSTAMGAGGGHPEAFESSTPLHQAEDSQVRQYFPETWL
WDLFPIGNSGKEAVHVTVPDAITEWKAMSFCTSQSRGFGLSPTVGLTAFKPFFVDLTLPYSVVRGESFRLTATIFNYLKD
CIRVQTDLAKSHEYQLESWADSQTSSCLCADDAKTHHWNITAVKLGHINFTISTKILDSNEPCGGQKGFVPQKGRSDTLI
KPVLVKPEGVLVEKTHSSLLCPKGKVASESVSLELPVDIVPDSTKAYVTVLGDIMGTALQNLDGLVQMPSGCGEQNMVLF
APIIYVLQYLEKAGLLTEEIRSRAVGFLEIGYQKELMYKHSNGSYSAFGERDGNGNTWLTAFVTKCFGQAQKFIFIDPKN
IQDALKWMAGNQLPSGCYANVGNLLHTAMKGGVDDEVSLTAYVTAALLEMGKDVDDPMVSQGLRCLKNSATSTTNLYTQA
LLAYIFSLAGEMDIRNILLKQLDQQAIISGESIYWSQKPTPSSNASPWSEPAAVDVELTAYALLAQLTKPSLTQKEIAKA
TSIVAWLAKQHNAYGGFSSTQDTVVALQALAKYATTAYMPSEEINLVVKSTENFQRTFNIQSVNRLVFQQDTLPNVPGMY
TLEASGQGCVYVQTVLRYNILPPTNMKTFSLSVEIGKARCEQPTSPRSLTLTIHTSYVGSRSSSNMAIVEVKMLSGFSPM
EGTNQLLLQQPLVKKVEFGTDTLNIYLDELIKNTQTYTFTISQSVLVTNLKPATIKVYDYYLPDEQATIQYSDPCE
;
_entity_poly.pdbx_strand_id   A
#
loop_
_chem_comp.id
_chem_comp.type
_chem_comp.name
_chem_comp.formula
NAG D-saccharide, beta linking 2-acetamido-2-deoxy-beta-D-glucopyranose 'C8 H15 N O6'
#
# COMPACT_ATOMS: atom_id res chain seq x y z
N GLU A 1 45.27 17.83 -31.07
CA GLU A 1 44.97 19.06 -31.77
C GLU A 1 44.29 20.06 -30.83
N LEU A 2 43.09 19.72 -30.38
CA LEU A 2 42.39 20.47 -29.34
C LEU A 2 42.21 19.57 -28.12
N PRO A 3 42.97 19.76 -27.05
CA PRO A 3 42.78 18.93 -25.85
C PRO A 3 41.49 19.28 -25.12
N ASN A 4 40.89 18.27 -24.52
CA ASN A 4 39.60 18.44 -23.88
C ASN A 4 39.41 17.47 -22.71
N TYR A 5 38.51 17.83 -21.81
CA TYR A 5 38.21 17.07 -20.60
C TYR A 5 36.78 16.57 -20.68
N LEU A 6 36.45 15.61 -19.81
CA LEU A 6 35.04 15.27 -19.62
C LEU A 6 34.88 14.79 -18.18
N VAL A 7 33.93 15.40 -17.46
CA VAL A 7 33.70 15.12 -16.05
C VAL A 7 32.29 14.55 -15.90
N THR A 8 32.17 13.42 -15.20
CA THR A 8 30.91 12.73 -15.04
C THR A 8 30.60 12.58 -13.55
N LEU A 9 29.38 12.96 -13.16
CA LEU A 9 28.94 12.80 -11.78
C LEU A 9 27.44 12.57 -11.83
N PRO A 10 26.84 11.89 -10.84
CA PRO A 10 25.39 11.63 -10.90
C PRO A 10 24.55 12.88 -10.67
N ALA A 11 23.29 12.82 -11.09
CA ALA A 11 22.41 13.95 -10.86
C ALA A 11 21.90 13.98 -9.41
N ARG A 12 21.18 12.95 -8.99
CA ARG A 12 20.60 12.90 -7.65
C ARG A 12 21.64 12.32 -6.69
N LEU A 13 22.20 13.17 -5.85
CA LEU A 13 23.08 12.70 -4.79
C LEU A 13 22.23 12.20 -3.63
N ASN A 14 22.70 11.15 -2.97
CA ASN A 14 21.97 10.54 -1.87
C ASN A 14 22.88 10.49 -0.66
N PHE A 15 22.41 11.07 0.45
CA PHE A 15 23.27 11.29 1.62
C PHE A 15 23.80 10.03 2.33
N PRO A 16 23.02 8.97 2.62
CA PRO A 16 23.64 7.82 3.30
C PRO A 16 24.50 6.91 2.43
N SER A 17 24.79 7.26 1.18
CA SER A 17 25.53 6.40 0.27
C SER A 17 26.77 7.12 -0.27
N VAL A 18 27.71 6.31 -0.79
CA VAL A 18 28.89 6.81 -1.49
C VAL A 18 28.55 6.98 -2.96
N GLN A 19 29.25 7.87 -3.64
CA GLN A 19 29.04 8.08 -5.08
C GLN A 19 30.39 8.13 -5.79
N LYS A 20 30.34 8.22 -7.11
CA LYS A 20 31.52 8.18 -7.96
C LYS A 20 31.63 9.45 -8.77
N VAL A 21 32.85 9.97 -8.91
CA VAL A 21 33.12 11.07 -9.81
C VAL A 21 34.27 10.68 -10.73
N CYS A 22 34.11 10.98 -12.05
CA CYS A 22 35.07 10.53 -13.05
C CYS A 22 35.54 11.64 -13.97
N LEU A 23 36.81 11.55 -14.38
CA LEU A 23 37.43 12.53 -15.25
C LEU A 23 38.14 11.82 -16.39
N ASP A 24 37.95 12.31 -17.60
CA ASP A 24 38.53 11.76 -18.82
C ASP A 24 39.38 12.83 -19.48
N LEU A 25 40.63 12.51 -19.78
CA LEU A 25 41.63 13.45 -20.26
C LEU A 25 41.80 13.33 -21.77
N SER A 26 42.80 14.04 -22.28
CA SER A 26 43.15 14.06 -23.70
C SER A 26 44.67 14.05 -23.80
N PRO A 27 45.22 13.71 -24.98
CA PRO A 27 46.63 14.00 -25.24
C PRO A 27 46.89 15.49 -25.22
N GLY A 28 48.11 15.86 -24.81
CA GLY A 28 48.42 17.23 -24.52
C GLY A 28 48.37 17.45 -23.02
N TYR A 29 48.09 18.69 -22.60
CA TYR A 29 47.97 19.12 -21.20
C TYR A 29 49.27 18.85 -20.47
N SER A 30 49.30 17.98 -19.45
CA SER A 30 50.44 17.55 -18.63
C SER A 30 51.07 18.67 -17.78
N ASP A 31 50.51 19.88 -17.82
CA ASP A 31 50.89 20.95 -16.92
C ASP A 31 49.70 21.76 -16.43
N VAL A 32 48.48 21.39 -16.83
CA VAL A 32 47.26 22.05 -16.38
C VAL A 32 46.62 21.16 -15.34
N LYS A 33 46.45 21.68 -14.13
CA LYS A 33 45.92 20.89 -13.03
C LYS A 33 44.40 21.03 -13.03
N PHE A 34 43.71 19.89 -13.14
CA PHE A 34 42.25 19.83 -13.06
C PHE A 34 41.85 19.41 -11.66
N THR A 35 41.08 20.26 -10.98
CA THR A 35 40.45 19.89 -9.73
C THR A 35 38.96 20.13 -9.84
N VAL A 36 38.18 19.25 -9.22
CA VAL A 36 36.73 19.37 -9.23
C VAL A 36 36.22 19.44 -7.79
N THR A 37 35.39 20.45 -7.52
CA THR A 37 34.95 20.81 -6.18
C THR A 37 33.43 20.89 -6.12
N LEU A 38 32.86 20.37 -5.04
CA LEU A 38 31.42 20.45 -4.79
C LEU A 38 31.19 21.62 -3.85
N GLU A 39 30.65 22.71 -4.37
CA GLU A 39 30.31 23.88 -3.57
C GLU A 39 28.89 23.71 -3.06
N THR A 40 28.77 23.39 -1.78
CA THR A 40 27.51 23.36 -1.08
C THR A 40 27.33 24.68 -0.32
N LYS A 41 26.32 24.75 0.54
CA LYS A 41 25.96 26.02 1.17
C LYS A 41 26.97 26.40 2.27
N ASP A 42 27.32 25.44 3.13
CA ASP A 42 28.14 25.76 4.30
C ASP A 42 29.63 25.68 4.03
N LYS A 43 30.06 24.91 3.03
CA LYS A 43 31.48 24.70 2.80
C LYS A 43 31.70 24.41 1.32
N THR A 44 32.91 23.96 0.99
CA THR A 44 33.24 23.52 -0.35
C THR A 44 34.38 22.52 -0.23
N GLN A 45 34.14 21.27 -0.64
CA GLN A 45 35.17 20.24 -0.62
C GLN A 45 35.55 19.86 -2.04
N LYS A 46 36.84 19.56 -2.22
CA LYS A 46 37.32 19.11 -3.52
C LYS A 46 37.10 17.61 -3.67
N LEU A 47 36.83 17.19 -4.90
CA LEU A 47 36.56 15.78 -5.17
C LEU A 47 37.83 15.06 -5.57
N LEU A 48 38.43 15.50 -6.68
CA LEU A 48 39.69 14.97 -7.15
C LEU A 48 40.49 16.10 -7.79
N GLU A 49 41.79 16.07 -7.52
CA GLU A 49 42.78 16.93 -8.15
C GLU A 49 43.75 16.04 -8.91
N TYR A 50 43.97 16.34 -10.18
CA TYR A 50 44.72 15.45 -11.04
C TYR A 50 45.40 16.27 -12.13
N SER A 51 46.37 15.66 -12.80
CA SER A 51 47.11 16.30 -13.87
C SER A 51 47.05 15.43 -15.10
N GLY A 52 47.16 16.07 -16.26
CA GLY A 52 47.06 15.37 -17.52
C GLY A 52 48.28 14.51 -17.81
N LEU A 53 48.09 13.57 -18.72
CA LEU A 53 49.14 12.66 -19.18
C LEU A 53 49.34 12.87 -20.67
N LYS A 54 50.25 12.08 -21.25
CA LYS A 54 50.48 12.13 -22.69
C LYS A 54 49.48 11.29 -23.46
N LYS A 55 48.64 10.52 -22.78
CA LYS A 55 47.59 9.71 -23.38
C LYS A 55 46.27 10.06 -22.72
N ARG A 56 45.18 9.47 -23.22
CA ARG A 56 43.92 9.53 -22.51
C ARG A 56 43.97 8.63 -21.30
N HIS A 57 43.38 9.09 -20.19
CA HIS A 57 43.36 8.29 -18.98
C HIS A 57 42.11 8.64 -18.19
N LEU A 58 41.23 7.66 -18.01
CA LEU A 58 40.01 7.83 -17.24
C LEU A 58 40.34 7.60 -15.77
N HIS A 59 40.48 8.68 -15.01
CA HIS A 59 40.80 8.61 -13.60
C HIS A 59 39.52 8.82 -12.80
N CYS A 60 39.19 7.87 -11.93
CA CYS A 60 38.00 8.07 -11.12
C CYS A 60 37.98 7.40 -9.77
N ILE A 61 37.23 8.05 -8.87
CA ILE A 61 37.24 7.73 -7.44
C ILE A 61 35.86 7.86 -6.83
N SER A 62 35.68 7.21 -5.69
CA SER A 62 34.50 7.30 -4.84
C SER A 62 34.63 8.48 -3.88
N PHE A 63 33.49 8.88 -3.32
CA PHE A 63 33.47 9.92 -2.30
C PHE A 63 32.20 9.79 -1.45
N LEU A 64 32.25 10.44 -0.29
CA LEU A 64 31.10 10.65 0.58
C LEU A 64 30.53 12.04 0.34
N VAL A 65 29.24 12.11 0.07
CA VAL A 65 28.56 13.36 -0.24
C VAL A 65 28.31 14.13 1.06
N PRO A 66 28.48 15.46 1.07
CA PRO A 66 28.12 16.25 2.25
C PRO A 66 26.62 16.28 2.47
N PRO A 67 26.17 16.54 3.70
CA PRO A 67 24.73 16.59 3.97
C PRO A 67 24.09 17.82 3.34
N PRO A 68 22.79 17.75 3.01
CA PRO A 68 22.09 18.94 2.53
C PRO A 68 21.93 19.98 3.63
N ALA A 69 21.89 21.24 3.21
CA ALA A 69 21.74 22.34 4.18
C ALA A 69 20.33 22.43 4.70
N GLY A 70 19.33 22.13 3.88
CA GLY A 70 17.95 22.21 4.31
C GLY A 70 17.49 21.05 5.19
N GLY A 71 18.29 20.00 5.30
CA GLY A 71 17.93 18.86 6.10
C GLY A 71 17.55 17.67 5.26
N THR A 72 16.85 17.92 4.15
CA THR A 72 16.44 16.84 3.27
C THR A 72 16.61 17.13 1.79
N GLU A 73 17.03 18.35 1.41
CA GLU A 73 17.14 18.74 0.01
C GLU A 73 18.01 19.98 -0.10
N GLU A 74 18.95 19.97 -1.05
CA GLU A 74 19.76 21.15 -1.31
C GLU A 74 20.28 21.10 -2.74
N VAL A 75 20.20 22.23 -3.43
CA VAL A 75 20.80 22.36 -4.76
C VAL A 75 22.22 22.86 -4.57
N ALA A 76 23.19 21.98 -4.85
CA ALA A 76 24.59 22.35 -4.77
C ALA A 76 25.15 22.55 -6.18
N THR A 77 26.33 23.15 -6.25
CA THR A 77 26.99 23.31 -7.54
C THR A 77 28.24 22.46 -7.59
N ILE A 78 28.54 21.94 -8.77
CA ILE A 78 29.79 21.22 -9.03
C ILE A 78 30.61 22.09 -9.97
N ARG A 79 31.92 22.15 -9.73
CA ARG A 79 32.78 23.08 -10.46
C ARG A 79 34.10 22.41 -10.78
N VAL A 80 34.39 22.28 -12.07
CA VAL A 80 35.68 21.82 -12.53
C VAL A 80 36.52 23.04 -12.89
N SER A 81 37.81 23.00 -12.54
CA SER A 81 38.68 24.14 -12.74
C SER A 81 40.09 23.62 -13.01
N GLY A 82 40.67 24.08 -14.10
CA GLY A 82 42.02 23.72 -14.45
C GLY A 82 42.92 24.92 -14.64
N VAL A 83 44.01 24.96 -13.89
CA VAL A 83 44.91 26.11 -13.93
C VAL A 83 46.26 25.68 -14.50
N GLY A 84 46.91 26.63 -15.16
CA GLY A 84 48.28 26.41 -15.61
C GLY A 84 48.57 27.21 -16.86
N ASN A 85 49.83 27.66 -16.97
CA ASN A 85 50.38 28.40 -18.12
C ASN A 85 49.57 29.66 -18.44
N ASN A 86 49.10 30.32 -17.37
CA ASN A 86 48.22 31.50 -17.39
C ASN A 86 46.92 31.27 -18.15
N ILE A 87 46.41 30.03 -18.19
CA ILE A 87 45.04 29.78 -18.61
C ILE A 87 44.36 28.94 -17.55
N SER A 88 43.04 29.13 -17.42
CA SER A 88 42.25 28.50 -16.37
C SER A 88 40.88 28.17 -16.93
N PHE A 89 40.65 26.88 -17.20
CA PHE A 89 39.31 26.39 -17.48
C PHE A 89 38.46 26.45 -16.20
N GLU A 90 37.21 26.85 -16.34
CA GLU A 90 36.27 26.74 -15.23
C GLU A 90 34.89 26.45 -15.80
N GLU A 91 34.18 25.53 -15.15
CA GLU A 91 32.84 25.16 -15.59
C GLU A 91 32.05 24.62 -14.40
N LYS A 92 30.84 25.14 -14.21
CA LYS A 92 30.01 24.74 -13.10
C LYS A 92 28.65 24.30 -13.59
N LYS A 93 28.07 23.35 -12.86
CA LYS A 93 26.71 22.87 -13.11
C LYS A 93 26.03 22.63 -11.78
N LYS A 94 24.74 22.28 -11.84
CA LYS A 94 23.90 22.14 -10.65
C LYS A 94 23.59 20.68 -10.40
N VAL A 95 23.84 20.22 -9.18
CA VAL A 95 23.46 18.88 -8.75
C VAL A 95 22.53 19.02 -7.56
N LEU A 96 21.80 17.93 -7.27
CA LEU A 96 20.82 17.90 -6.20
C LEU A 96 21.27 16.89 -5.15
N ILE A 97 21.41 17.33 -3.91
CA ILE A 97 21.75 16.47 -2.79
C ILE A 97 20.50 16.36 -1.94
N GLN A 98 19.88 15.18 -1.93
CA GLN A 98 18.70 14.96 -1.12
C GLN A 98 18.88 13.74 -0.25
N ARG A 99 18.18 13.72 0.86
CA ARG A 99 18.13 12.56 1.73
C ARG A 99 17.17 11.55 1.13
N GLN A 100 17.70 10.39 0.72
CA GLN A 100 16.87 9.40 0.05
C GLN A 100 15.94 8.71 1.04
N GLY A 101 14.78 8.30 0.54
CA GLY A 101 13.79 7.65 1.37
C GLY A 101 14.20 6.22 1.65
N ASN A 102 14.23 5.85 2.93
CA ASN A 102 14.55 4.51 3.35
C ASN A 102 13.29 3.66 3.31
N GLY A 103 13.32 2.58 2.53
CA GLY A 103 12.14 1.76 2.35
C GLY A 103 11.85 0.85 3.52
N THR A 104 10.68 1.00 4.12
CA THR A 104 10.29 0.23 5.30
C THR A 104 9.14 -0.67 4.94
N PHE A 105 9.24 -1.95 5.28
CA PHE A 105 8.07 -2.81 5.23
C PHE A 105 7.88 -3.50 6.58
N VAL A 106 6.67 -4.02 6.75
CA VAL A 106 6.30 -4.84 7.89
C VAL A 106 5.57 -6.07 7.37
N GLN A 107 5.90 -7.23 7.92
CA GLN A 107 5.13 -8.43 7.62
C GLN A 107 4.64 -9.05 8.91
N THR A 108 3.56 -9.81 8.80
CA THR A 108 3.04 -10.61 9.89
C THR A 108 3.18 -12.07 9.54
N ASP A 109 3.05 -12.92 10.57
CA ASP A 109 3.14 -14.36 10.35
C ASP A 109 1.93 -14.91 9.60
N LYS A 110 0.78 -14.27 9.74
CA LYS A 110 -0.44 -14.63 9.03
C LYS A 110 -1.12 -13.34 8.59
N PRO A 111 -1.91 -13.40 7.52
CA PRO A 111 -2.81 -12.28 7.21
C PRO A 111 -4.15 -12.35 7.91
N LEU A 112 -4.36 -13.32 8.78
CA LEU A 112 -5.68 -13.60 9.32
C LEU A 112 -5.53 -14.31 10.66
N TYR A 113 -6.33 -13.90 11.64
CA TYR A 113 -6.22 -14.44 12.99
C TYR A 113 -7.61 -14.70 13.57
N THR A 114 -7.69 -15.73 14.40
CA THR A 114 -8.83 -15.88 15.29
C THR A 114 -8.62 -14.98 16.50
N PRO A 115 -9.69 -14.65 17.24
CA PRO A 115 -9.49 -14.05 18.56
C PRO A 115 -8.78 -15.01 19.50
N GLY A 116 -7.90 -14.44 20.34
CA GLY A 116 -7.14 -15.23 21.28
C GLY A 116 -5.78 -15.67 20.81
N GLN A 117 -5.44 -15.43 19.55
CA GLN A 117 -4.13 -15.81 19.03
C GLN A 117 -3.11 -14.70 19.24
N GLN A 118 -1.89 -14.93 18.77
CA GLN A 118 -0.77 -14.03 18.98
C GLN A 118 -0.27 -13.54 17.63
N VAL A 119 -0.04 -12.23 17.54
CA VAL A 119 0.38 -11.57 16.31
C VAL A 119 1.85 -11.24 16.43
N TYR A 120 2.66 -11.83 15.56
CA TYR A 120 4.07 -11.46 15.43
C TYR A 120 4.23 -10.61 14.17
N PHE A 121 5.10 -9.62 14.24
CA PHE A 121 5.34 -8.82 13.05
C PHE A 121 6.79 -8.34 13.02
N ARG A 122 7.35 -8.28 11.82
CA ARG A 122 8.72 -7.83 11.58
C ARG A 122 8.71 -6.54 10.79
N ILE A 123 9.48 -5.57 11.27
CA ILE A 123 9.65 -4.28 10.63
C ILE A 123 11.09 -4.19 10.16
N VAL A 124 11.28 -3.95 8.86
CA VAL A 124 12.59 -3.88 8.22
C VAL A 124 12.68 -2.56 7.47
N THR A 125 13.82 -1.86 7.60
CA THR A 125 14.06 -0.61 6.91
C THR A 125 15.36 -0.73 6.12
N MET A 126 15.36 -0.23 4.88
CA MET A 126 16.41 -0.47 3.90
C MET A 126 16.86 0.84 3.31
N ASP A 127 18.11 0.90 2.87
CA ASP A 127 18.50 1.95 1.95
C ASP A 127 18.15 1.56 0.52
N SER A 128 18.43 2.46 -0.43
CA SER A 128 18.16 2.19 -1.84
C SER A 128 19.10 1.15 -2.44
N ASN A 129 20.23 0.88 -1.79
CA ASN A 129 21.13 -0.20 -2.19
C ASN A 129 20.82 -1.51 -1.48
N PHE A 130 19.65 -1.58 -0.82
CA PHE A 130 19.16 -2.74 -0.07
C PHE A 130 20.09 -3.15 1.07
N VAL A 131 20.79 -2.19 1.64
CA VAL A 131 21.59 -2.41 2.84
C VAL A 131 20.74 -2.03 4.05
N PRO A 132 20.69 -2.82 5.10
CA PRO A 132 19.82 -2.49 6.24
C PRO A 132 20.39 -1.38 7.09
N VAL A 133 19.47 -0.65 7.73
CA VAL A 133 19.85 0.43 8.63
C VAL A 133 19.29 0.14 10.01
N ASN A 134 19.93 0.72 11.01
CA ASN A 134 19.59 0.49 12.40
C ASN A 134 19.17 1.79 13.08
N ASP A 135 18.40 2.60 12.36
CA ASP A 135 17.86 3.82 12.95
C ASP A 135 16.76 3.49 13.95
N LYS A 136 16.52 4.43 14.86
CA LYS A 136 15.55 4.22 15.92
C LYS A 136 14.16 4.55 15.41
N TYR A 137 13.25 3.59 15.50
CA TYR A 137 11.83 3.90 15.35
C TYR A 137 11.36 4.63 16.60
N SER A 138 10.67 5.76 16.40
CA SER A 138 10.17 6.52 17.54
C SER A 138 9.03 5.78 18.23
N MET A 139 8.09 5.27 17.46
CA MET A 139 6.93 4.60 18.04
C MET A 139 6.36 3.62 17.03
N VAL A 140 6.16 2.38 17.47
CA VAL A 140 5.38 1.39 16.72
C VAL A 140 4.03 1.28 17.39
N GLU A 141 2.95 1.55 16.65
CA GLU A 141 1.62 1.49 17.22
C GLU A 141 0.80 0.39 16.57
N LEU A 142 -0.09 -0.20 17.37
CA LEU A 142 -0.99 -1.26 16.91
C LEU A 142 -2.40 -0.86 17.33
N GLN A 143 -3.29 -0.81 16.33
CA GLN A 143 -4.56 -0.10 16.39
C GLN A 143 -5.71 -1.03 16.07
N ASP A 144 -6.83 -0.77 16.75
CA ASP A 144 -8.09 -1.44 16.59
C ASP A 144 -8.73 -1.09 15.25
N PRO A 145 -9.78 -1.82 14.84
CA PRO A 145 -10.67 -1.31 13.79
C PRO A 145 -11.39 -0.01 14.14
N ASN A 146 -11.56 0.30 15.43
CA ASN A 146 -12.10 1.59 15.86
C ASN A 146 -11.02 2.66 16.02
N SER A 147 -9.82 2.43 15.45
CA SER A 147 -8.65 3.32 15.51
C SER A 147 -8.23 3.65 16.94
N ASN A 148 -8.30 2.64 17.81
CA ASN A 148 -7.86 2.75 19.19
C ASN A 148 -6.53 2.05 19.34
N ARG A 149 -5.52 2.77 19.84
CA ARG A 149 -4.18 2.21 20.05
C ARG A 149 -4.25 1.20 21.17
N ILE A 150 -4.27 -0.10 20.83
CA ILE A 150 -4.22 -1.11 21.86
C ILE A 150 -2.79 -1.49 22.23
N ALA A 151 -1.80 -1.15 21.39
CA ALA A 151 -0.43 -1.41 21.78
C ALA A 151 0.48 -0.33 21.22
N GLN A 152 1.58 -0.07 21.92
CA GLN A 152 2.63 0.76 21.37
C GLN A 152 3.97 0.33 21.96
N TRP A 153 5.03 0.62 21.20
CA TRP A 153 6.41 0.37 21.60
C TRP A 153 7.22 1.63 21.30
N LEU A 154 7.93 2.11 22.31
CA LEU A 154 8.66 3.37 22.22
C LEU A 154 10.15 3.10 22.12
N GLU A 155 10.80 3.79 21.17
CA GLU A 155 12.27 3.84 21.01
C GLU A 155 12.87 2.47 20.77
N VAL A 156 12.23 1.70 19.90
CA VAL A 156 12.61 0.30 19.68
C VAL A 156 13.83 0.25 18.77
N VAL A 157 14.74 -0.68 19.07
CA VAL A 157 16.01 -0.78 18.36
C VAL A 157 15.94 -1.98 17.41
N PRO A 158 16.37 -1.84 16.16
CA PRO A 158 16.51 -3.01 15.29
C PRO A 158 17.86 -3.67 15.50
N GLU A 159 17.86 -5.00 15.49
CA GLU A 159 19.10 -5.77 15.43
C GLU A 159 19.26 -6.30 14.01
N GLN A 160 20.42 -6.01 13.40
CA GLN A 160 20.77 -6.30 12.01
C GLN A 160 19.77 -5.73 11.01
N GLY A 161 19.12 -4.62 11.35
CA GLY A 161 18.16 -3.98 10.46
C GLY A 161 16.73 -4.43 10.61
N ILE A 162 16.47 -5.55 11.29
CA ILE A 162 15.12 -6.08 11.44
C ILE A 162 14.72 -5.98 12.90
N VAL A 163 13.42 -5.86 13.15
CA VAL A 163 12.90 -5.95 14.50
C VAL A 163 11.61 -6.77 14.50
N ASP A 164 11.46 -7.67 15.47
CA ASP A 164 10.27 -8.49 15.57
C ASP A 164 9.58 -8.21 16.90
N LEU A 165 8.28 -7.92 16.82
CA LEU A 165 7.48 -7.56 17.98
C LEU A 165 6.23 -8.41 18.02
N SER A 166 5.80 -8.75 19.24
CA SER A 166 4.70 -9.66 19.45
C SER A 166 3.56 -8.96 20.20
N PHE A 167 2.35 -9.47 20.01
CA PHE A 167 1.17 -8.95 20.71
C PHE A 167 0.20 -10.09 20.94
N GLN A 168 -0.18 -10.33 22.19
CA GLN A 168 -1.19 -11.34 22.50
C GLN A 168 -2.55 -10.68 22.47
N LEU A 169 -3.39 -11.10 21.52
CA LEU A 169 -4.75 -10.57 21.43
C LEU A 169 -5.60 -11.10 22.58
N ALA A 170 -6.60 -10.31 22.95
CA ALA A 170 -7.57 -10.76 23.93
C ALA A 170 -8.46 -11.84 23.32
N PRO A 171 -8.96 -12.78 24.13
CA PRO A 171 -9.89 -13.79 23.58
C PRO A 171 -11.27 -13.26 23.24
N GLU A 172 -11.61 -12.03 23.66
CA GLU A 172 -12.80 -11.34 23.16
C GLU A 172 -12.40 -10.09 22.41
N ALA A 173 -11.36 -10.18 21.58
CA ALA A 173 -10.97 -9.06 20.74
C ALA A 173 -11.97 -8.87 19.63
N MET A 174 -12.39 -7.62 19.42
CA MET A 174 -13.42 -7.33 18.44
C MET A 174 -12.86 -7.41 17.03
N LEU A 175 -13.69 -7.91 16.12
CA LEU A 175 -13.28 -8.34 14.80
C LEU A 175 -13.01 -7.15 13.88
N GLY A 176 -12.32 -7.42 12.78
CA GLY A 176 -12.12 -6.39 11.78
C GLY A 176 -10.65 -6.24 11.44
N THR A 177 -10.34 -5.08 10.83
CA THR A 177 -9.02 -4.83 10.28
C THR A 177 -8.18 -4.04 11.29
N TYR A 178 -7.19 -4.70 11.87
CA TYR A 178 -6.24 -4.10 12.79
C TYR A 178 -5.05 -3.58 11.99
N THR A 179 -4.39 -2.56 12.53
CA THR A 179 -3.33 -1.89 11.78
C THR A 179 -2.07 -1.74 12.62
N VAL A 180 -0.92 -2.02 12.03
CA VAL A 180 0.39 -1.74 12.63
C VAL A 180 0.99 -0.58 11.86
N ALA A 181 1.18 0.55 12.52
CA ALA A 181 1.80 1.71 11.90
C ALA A 181 3.15 1.97 12.54
N VAL A 182 4.12 2.35 11.73
CA VAL A 182 5.52 2.39 12.16
C VAL A 182 6.04 3.81 12.01
N ALA A 183 6.59 4.35 13.10
CA ALA A 183 7.38 5.59 13.15
C ALA A 183 6.58 6.82 12.70
N GLU A 184 5.28 6.81 13.02
CA GLU A 184 4.35 7.93 12.83
C GLU A 184 4.22 8.35 11.36
N GLY A 185 4.36 7.39 10.45
CA GLY A 185 4.39 7.72 9.04
C GLY A 185 3.38 6.95 8.21
N LYS A 186 3.67 6.80 6.92
CA LYS A 186 2.77 6.12 5.99
C LYS A 186 3.05 4.62 5.88
N THR A 187 3.98 4.10 6.68
CA THR A 187 4.29 2.67 6.68
C THR A 187 3.35 1.96 7.64
N PHE A 188 2.46 1.14 7.09
CA PHE A 188 1.51 0.38 7.88
C PHE A 188 1.33 -1.01 7.29
N GLY A 189 0.90 -1.93 8.14
CA GLY A 189 0.55 -3.27 7.74
C GLY A 189 -0.72 -3.72 8.43
N THR A 190 -1.71 -4.13 7.65
CA THR A 190 -3.01 -4.48 8.19
C THR A 190 -3.15 -5.99 8.31
N PHE A 191 -3.94 -6.41 9.28
CA PHE A 191 -4.31 -7.82 9.39
C PHE A 191 -5.74 -7.91 9.92
N SER A 192 -6.48 -8.88 9.41
CA SER A 192 -7.88 -9.05 9.79
C SER A 192 -8.00 -10.10 10.88
N VAL A 193 -8.82 -9.79 11.88
CA VAL A 193 -9.21 -10.76 12.89
C VAL A 193 -10.67 -11.12 12.63
N GLU A 194 -10.93 -12.39 12.35
CA GLU A 194 -12.28 -12.83 12.03
C GLU A 194 -12.44 -14.29 12.44
N GLU A 195 -13.68 -14.73 12.46
CA GLU A 195 -14.03 -16.10 12.82
C GLU A 195 -14.02 -16.95 11.56
N TYR A 196 -13.08 -17.90 11.48
CA TYR A 196 -12.94 -18.71 10.28
C TYR A 196 -12.74 -20.16 10.65
N VAL A 197 -12.66 -20.99 9.61
CA VAL A 197 -12.23 -22.38 9.70
C VAL A 197 -11.36 -22.65 8.47
N LEU A 198 -10.30 -23.44 8.64
CA LEU A 198 -9.31 -23.61 7.58
C LEU A 198 -9.85 -24.48 6.45
N PRO A 199 -9.81 -24.00 5.20
CA PRO A 199 -10.21 -24.83 4.07
C PRO A 199 -9.13 -25.82 3.70
N LYS A 200 -9.55 -26.98 3.20
CA LYS A 200 -8.62 -28.03 2.86
C LYS A 200 -8.42 -28.21 1.37
N PHE A 201 -9.02 -27.37 0.54
CA PHE A 201 -8.84 -27.53 -0.89
C PHE A 201 -8.96 -26.18 -1.60
N LYS A 202 -8.36 -26.14 -2.78
CA LYS A 202 -8.31 -24.95 -3.63
C LYS A 202 -8.94 -25.30 -4.97
N VAL A 203 -9.86 -24.45 -5.41
CA VAL A 203 -10.49 -24.56 -6.71
C VAL A 203 -9.85 -23.51 -7.61
N GLU A 204 -9.47 -23.90 -8.82
CA GLU A 204 -8.86 -22.94 -9.72
C GLU A 204 -9.33 -23.16 -11.15
N VAL A 205 -9.50 -22.05 -11.87
CA VAL A 205 -9.64 -22.10 -13.32
C VAL A 205 -8.34 -22.57 -13.93
N VAL A 206 -8.42 -23.36 -15.00
CA VAL A 206 -7.20 -23.85 -15.63
C VAL A 206 -7.17 -23.45 -17.10
N GLU A 207 -8.14 -23.93 -17.88
CA GLU A 207 -8.05 -23.77 -19.33
C GLU A 207 -8.44 -22.38 -19.84
N PRO A 208 -9.55 -21.71 -19.38
CA PRO A 208 -9.73 -20.31 -19.82
C PRO A 208 -8.78 -19.40 -19.08
N LYS A 209 -7.75 -18.94 -19.78
CA LYS A 209 -6.83 -17.94 -19.25
C LYS A 209 -6.87 -16.66 -20.04
N GLU A 210 -6.84 -16.76 -21.37
CA GLU A 210 -7.12 -15.65 -22.26
C GLU A 210 -8.07 -16.12 -23.35
N LEU A 211 -8.96 -15.23 -23.78
CA LEU A 211 -9.98 -15.55 -24.75
C LEU A 211 -9.95 -14.55 -25.90
N SER A 212 -10.25 -15.05 -27.10
CA SER A 212 -10.22 -14.24 -28.30
C SER A 212 -11.62 -14.11 -28.87
N THR A 213 -11.85 -13.00 -29.57
CA THR A 213 -13.15 -12.78 -30.19
C THR A 213 -13.34 -13.63 -31.44
N VAL A 214 -12.26 -14.14 -32.03
CA VAL A 214 -12.36 -14.86 -33.29
C VAL A 214 -12.59 -16.36 -33.12
N GLN A 215 -12.38 -16.91 -31.92
CA GLN A 215 -12.59 -18.34 -31.73
C GLN A 215 -14.07 -18.64 -31.62
N GLU A 216 -14.42 -19.90 -31.90
CA GLU A 216 -15.82 -20.29 -31.95
C GLU A 216 -16.31 -20.78 -30.59
N SER A 217 -15.52 -21.61 -29.92
CA SER A 217 -15.89 -22.12 -28.59
C SER A 217 -14.62 -22.30 -27.78
N PHE A 218 -14.79 -22.34 -26.46
CA PHE A 218 -13.65 -22.48 -25.57
C PHE A 218 -13.97 -23.49 -24.49
N LEU A 219 -12.99 -24.30 -24.13
CA LEU A 219 -13.15 -25.27 -23.07
C LEU A 219 -12.95 -24.61 -21.72
N VAL A 220 -13.79 -24.96 -20.75
CA VAL A 220 -13.63 -24.54 -19.37
C VAL A 220 -13.19 -25.76 -18.59
N LYS A 221 -12.00 -25.68 -18.01
CA LYS A 221 -11.49 -26.69 -17.10
C LYS A 221 -11.39 -26.06 -15.72
N ILE A 222 -12.33 -26.40 -14.85
CA ILE A 222 -12.31 -26.04 -13.45
C ILE A 222 -11.68 -27.21 -12.72
N CYS A 223 -10.52 -27.01 -12.11
CA CYS A 223 -9.88 -28.14 -11.48
C CYS A 223 -9.54 -27.76 -10.05
N CYS A 224 -9.78 -28.70 -9.14
CA CYS A 224 -9.68 -28.43 -7.71
C CYS A 224 -8.86 -29.51 -7.04
N ARG A 225 -7.95 -29.10 -6.16
CA ARG A 225 -7.02 -30.01 -5.51
C ARG A 225 -7.01 -29.74 -4.01
N TYR A 226 -6.74 -30.77 -3.23
CA TYR A 226 -6.48 -30.60 -1.81
C TYR A 226 -5.14 -29.88 -1.61
N THR A 227 -4.93 -29.42 -0.38
CA THR A 227 -3.69 -28.71 -0.06
C THR A 227 -2.48 -29.64 -0.07
N TYR A 228 -2.70 -30.94 0.14
CA TYR A 228 -1.65 -31.94 0.09
C TYR A 228 -1.49 -32.54 -1.30
N GLY A 229 -2.10 -31.95 -2.31
CA GLY A 229 -1.87 -32.36 -3.69
C GLY A 229 -2.75 -33.48 -4.21
N LYS A 230 -3.74 -33.92 -3.45
CA LYS A 230 -4.51 -35.03 -3.99
C LYS A 230 -5.85 -34.54 -4.54
N PRO A 231 -6.37 -35.15 -5.61
CA PRO A 231 -7.68 -34.73 -6.12
C PRO A 231 -8.82 -35.32 -5.31
N MET A 232 -10.03 -34.83 -5.62
CA MET A 232 -11.24 -35.31 -4.94
C MET A 232 -12.36 -35.45 -5.96
N LEU A 233 -13.51 -35.92 -5.48
CA LEU A 233 -14.76 -35.91 -6.24
C LEU A 233 -15.71 -34.94 -5.56
N GLY A 234 -16.27 -34.01 -6.33
CA GLY A 234 -17.20 -33.04 -5.78
C GLY A 234 -18.02 -32.38 -6.86
N ALA A 235 -19.22 -31.95 -6.48
CA ALA A 235 -20.14 -31.32 -7.44
C ALA A 235 -19.66 -29.90 -7.75
N VAL A 236 -19.61 -29.57 -9.04
CA VAL A 236 -19.09 -28.31 -9.52
C VAL A 236 -20.22 -27.55 -10.20
N GLN A 237 -20.41 -26.29 -9.82
CA GLN A 237 -21.37 -25.40 -10.43
C GLN A 237 -20.63 -24.17 -10.93
N VAL A 238 -20.65 -23.94 -12.23
CA VAL A 238 -19.90 -22.87 -12.86
C VAL A 238 -20.88 -21.89 -13.49
N SER A 239 -20.74 -20.61 -13.19
CA SER A 239 -21.50 -19.57 -13.85
C SER A 239 -20.54 -18.79 -14.74
N VAL A 240 -20.81 -18.79 -16.04
CA VAL A 240 -20.01 -18.07 -17.01
C VAL A 240 -20.86 -16.91 -17.51
N CYS A 241 -20.66 -15.72 -16.95
CA CYS A 241 -21.56 -14.60 -17.15
C CYS A 241 -20.87 -13.46 -17.90
N GLN A 242 -21.62 -12.80 -18.79
CA GLN A 242 -21.16 -11.57 -19.41
C GLN A 242 -21.99 -10.42 -18.85
N LYS A 243 -21.31 -9.43 -18.26
CA LYS A 243 -21.99 -8.31 -17.63
C LYS A 243 -22.27 -7.22 -18.67
N ALA A 244 -22.84 -6.11 -18.20
CA ALA A 244 -23.15 -4.98 -19.06
C ALA A 244 -22.97 -3.70 -18.28
N ASN A 245 -22.88 -2.59 -19.02
CA ASN A 245 -22.67 -1.27 -18.41
C ASN A 245 -23.95 -0.76 -17.75
N LEU A 257 -31.23 -4.16 -17.63
CA LEU A 257 -30.36 -4.89 -18.54
C LEU A 257 -29.96 -6.24 -17.95
N PRO A 258 -30.50 -7.33 -18.49
CA PRO A 258 -30.13 -8.65 -17.98
C PRO A 258 -28.75 -9.05 -18.47
N ASP A 259 -28.09 -9.91 -17.69
CA ASP A 259 -26.77 -10.41 -18.00
C ASP A 259 -26.87 -11.86 -18.41
N LYS A 260 -26.34 -12.19 -19.59
CA LYS A 260 -26.43 -13.54 -20.12
C LYS A 260 -25.33 -14.41 -19.55
N CYS A 261 -25.73 -15.54 -18.99
CA CYS A 261 -24.83 -16.50 -18.38
C CYS A 261 -25.10 -17.88 -18.95
N ARG A 262 -24.07 -18.72 -18.95
CA ARG A 262 -24.26 -20.14 -19.17
C ARG A 262 -23.78 -20.86 -17.92
N ASN A 263 -24.63 -21.72 -17.37
CA ASN A 263 -24.36 -22.44 -16.14
C ASN A 263 -24.02 -23.89 -16.45
N LEU A 264 -22.92 -24.36 -15.89
CA LEU A 264 -22.42 -25.70 -16.10
C LEU A 264 -22.47 -26.47 -14.78
N SER A 265 -23.03 -27.67 -14.82
CA SER A 265 -23.12 -28.52 -13.65
C SER A 265 -22.37 -29.81 -13.94
N GLY A 266 -21.55 -30.25 -12.99
CA GLY A 266 -20.75 -31.42 -13.29
C GLY A 266 -20.18 -32.09 -12.06
N GLN A 267 -19.52 -33.21 -12.33
CA GLN A 267 -18.83 -34.00 -11.33
C GLN A 267 -17.42 -34.24 -11.83
N THR A 268 -16.44 -34.13 -10.93
CA THR A 268 -15.06 -34.29 -11.34
C THR A 268 -14.73 -35.78 -11.49
N ASP A 269 -13.51 -36.04 -11.96
CA ASP A 269 -13.02 -37.37 -12.28
C ASP A 269 -11.85 -37.72 -11.37
N LYS A 270 -11.12 -38.77 -11.73
CA LYS A 270 -9.94 -39.19 -10.98
C LYS A 270 -8.82 -38.16 -11.02
N THR A 271 -8.76 -37.32 -12.05
CA THR A 271 -7.81 -36.20 -12.06
C THR A 271 -8.33 -34.99 -11.31
N GLY A 272 -9.58 -34.98 -10.88
CA GLY A 272 -10.13 -33.88 -10.14
C GLY A 272 -10.46 -32.65 -10.96
N CYS A 273 -10.51 -32.76 -12.28
CA CYS A 273 -10.76 -31.63 -13.15
C CYS A 273 -12.10 -31.83 -13.85
N PHE A 274 -12.78 -30.73 -14.17
CA PHE A 274 -14.07 -30.77 -14.85
C PHE A 274 -14.01 -29.84 -16.06
N SER A 275 -14.29 -30.39 -17.24
CA SER A 275 -14.18 -29.63 -18.48
C SER A 275 -15.50 -29.66 -19.24
N ALA A 276 -15.85 -28.50 -19.81
CA ALA A 276 -17.07 -28.36 -20.62
C ALA A 276 -16.91 -27.25 -21.64
N PRO A 277 -17.41 -27.42 -22.87
CA PRO A 277 -17.28 -26.36 -23.88
C PRO A 277 -18.33 -25.29 -23.74
N VAL A 278 -17.94 -24.04 -24.01
CA VAL A 278 -18.83 -22.88 -23.97
C VAL A 278 -18.71 -22.14 -25.30
N ASP A 279 -19.85 -21.83 -25.91
CA ASP A 279 -19.94 -21.26 -27.25
C ASP A 279 -20.14 -19.75 -27.20
N MET A 280 -19.69 -19.06 -28.24
CA MET A 280 -19.91 -17.61 -28.42
C MET A 280 -21.36 -17.21 -28.63
N ALA A 281 -22.27 -18.16 -28.90
CA ALA A 281 -23.68 -17.80 -29.08
C ALA A 281 -24.35 -17.38 -27.79
N THR A 282 -23.76 -17.71 -26.63
CA THR A 282 -24.32 -17.29 -25.35
C THR A 282 -24.12 -15.79 -25.13
N PHE A 283 -22.94 -15.27 -25.44
CA PHE A 283 -22.57 -13.90 -25.10
C PHE A 283 -22.55 -13.03 -26.34
N ASP A 284 -23.26 -11.90 -26.27
CA ASP A 284 -23.20 -10.91 -27.35
C ASP A 284 -21.92 -10.07 -27.28
N LEU A 285 -20.91 -10.52 -28.01
CA LEU A 285 -19.60 -9.87 -28.05
C LEU A 285 -19.55 -8.71 -29.03
N ILE A 286 -20.68 -8.34 -29.63
CA ILE A 286 -20.74 -7.26 -30.60
C ILE A 286 -21.36 -5.99 -29.99
N GLY A 287 -21.96 -6.08 -28.81
CA GLY A 287 -22.71 -4.95 -28.27
C GLY A 287 -21.80 -3.86 -27.71
N TYR A 288 -22.14 -2.62 -28.07
CA TYR A 288 -21.40 -1.47 -27.56
C TYR A 288 -21.71 -1.21 -26.09
N ALA A 289 -22.93 -1.47 -25.66
CA ALA A 289 -23.34 -1.25 -24.29
C ALA A 289 -23.02 -2.44 -23.39
N TYR A 290 -22.50 -3.53 -23.95
CA TYR A 290 -22.14 -4.71 -23.17
C TYR A 290 -20.63 -4.77 -23.00
N SER A 291 -20.20 -5.05 -21.77
CA SER A 291 -18.78 -5.09 -21.46
C SER A 291 -18.12 -6.34 -22.03
N HIS A 292 -16.84 -6.22 -22.36
CA HIS A 292 -16.03 -7.33 -22.84
C HIS A 292 -15.27 -8.03 -21.73
N GLN A 293 -15.78 -7.99 -20.51
CA GLN A 293 -15.19 -8.70 -19.39
C GLN A 293 -16.14 -9.80 -18.96
N ILE A 294 -15.72 -11.04 -19.13
CA ILE A 294 -16.52 -12.20 -18.79
C ILE A 294 -16.09 -12.68 -17.41
N ASN A 295 -17.03 -13.17 -16.62
CA ASN A 295 -16.77 -13.59 -15.26
C ASN A 295 -17.06 -15.08 -15.14
N ILE A 296 -16.05 -15.86 -14.78
CA ILE A 296 -16.21 -17.28 -14.53
C ILE A 296 -16.16 -17.46 -13.03
N VAL A 297 -17.28 -17.85 -12.44
CA VAL A 297 -17.37 -18.07 -11.00
C VAL A 297 -17.71 -19.53 -10.81
N ALA A 298 -16.76 -20.29 -10.25
CA ALA A 298 -16.93 -21.71 -10.02
C ALA A 298 -17.13 -21.95 -8.53
N THR A 299 -17.97 -22.91 -8.20
CA THR A 299 -18.25 -23.30 -6.82
C THR A 299 -18.22 -24.81 -6.73
N VAL A 300 -17.34 -25.34 -5.91
CA VAL A 300 -17.22 -26.78 -5.73
C VAL A 300 -17.67 -27.14 -4.33
N VAL A 301 -18.70 -27.98 -4.25
CA VAL A 301 -19.15 -28.56 -3.00
C VAL A 301 -18.70 -30.02 -3.02
N GLU A 302 -17.78 -30.39 -2.15
CA GLU A 302 -17.25 -31.74 -2.26
C GLU A 302 -18.14 -32.72 -1.50
N GLU A 303 -18.05 -33.98 -1.91
CA GLU A 303 -19.07 -34.97 -1.60
C GLU A 303 -19.02 -35.40 -0.13
N GLY A 304 -20.21 -35.52 0.47
CA GLY A 304 -20.34 -35.98 1.84
C GLY A 304 -20.42 -34.88 2.88
N THR A 305 -19.35 -34.10 3.02
CA THR A 305 -19.32 -33.08 4.06
C THR A 305 -20.17 -31.87 3.69
N GLY A 306 -20.21 -31.51 2.42
CA GLY A 306 -20.97 -30.36 1.99
C GLY A 306 -20.27 -29.03 2.12
N VAL A 307 -18.97 -29.02 2.43
CA VAL A 307 -18.22 -27.78 2.49
C VAL A 307 -17.90 -27.35 1.06
N GLU A 308 -17.95 -26.04 0.80
CA GLU A 308 -17.79 -25.53 -0.55
C GLU A 308 -16.59 -24.61 -0.63
N ALA A 309 -16.22 -24.30 -1.87
CA ALA A 309 -15.18 -23.32 -2.14
C ALA A 309 -15.47 -22.63 -3.47
N ASN A 310 -14.91 -21.44 -3.62
CA ASN A 310 -15.15 -20.59 -4.79
C ASN A 310 -13.87 -20.44 -5.59
N ALA A 311 -14.06 -20.01 -6.84
CA ALA A 311 -12.95 -19.61 -7.72
C ALA A 311 -13.51 -18.62 -8.72
N THR A 312 -13.16 -17.36 -8.58
CA THR A 312 -13.67 -16.30 -9.45
C THR A 312 -12.52 -15.78 -10.31
N GLN A 313 -12.73 -15.73 -11.62
CA GLN A 313 -11.78 -15.08 -12.51
C GLN A 313 -12.52 -14.20 -13.50
N ASN A 314 -12.10 -12.94 -13.58
CA ASN A 314 -12.58 -12.02 -14.61
C ASN A 314 -11.59 -12.03 -15.76
N ILE A 315 -12.05 -12.48 -16.93
CA ILE A 315 -11.25 -12.56 -18.14
C ILE A 315 -11.68 -11.45 -19.07
N TYR A 316 -10.75 -10.61 -19.49
CA TYR A 316 -11.02 -9.68 -20.57
C TYR A 316 -10.86 -10.45 -21.88
N ILE A 317 -11.96 -10.63 -22.62
CA ILE A 317 -11.87 -11.27 -23.92
C ILE A 317 -11.19 -10.31 -24.90
N SER A 318 -10.33 -10.86 -25.75
CA SER A 318 -9.40 -10.03 -26.49
C SER A 318 -9.85 -9.86 -27.93
N PRO A 319 -10.06 -8.63 -28.38
CA PRO A 319 -10.18 -8.37 -29.83
C PRO A 319 -8.83 -8.25 -30.54
N GLN A 320 -7.73 -8.46 -29.84
CA GLN A 320 -6.42 -8.47 -30.46
C GLN A 320 -6.24 -9.78 -31.23
N MET A 321 -5.85 -9.66 -32.50
CA MET A 321 -5.62 -10.83 -33.34
C MET A 321 -4.13 -11.14 -33.49
N GLY A 322 -3.29 -10.12 -33.58
CA GLY A 322 -1.86 -10.33 -33.62
C GLY A 322 -1.09 -9.10 -33.20
N SER A 323 -0.17 -9.25 -32.26
CA SER A 323 0.56 -8.12 -31.70
C SER A 323 2.06 -8.31 -31.89
N MET A 324 2.71 -7.31 -32.48
CA MET A 324 4.16 -7.26 -32.50
C MET A 324 4.63 -5.91 -31.97
N THR A 325 5.76 -5.92 -31.27
CA THR A 325 6.46 -4.73 -30.83
C THR A 325 7.94 -4.91 -31.11
N PHE A 326 8.64 -3.79 -31.32
CA PHE A 326 10.10 -3.82 -31.49
C PHE A 326 10.72 -4.16 -30.14
N GLU A 327 11.14 -5.42 -29.98
CA GLU A 327 11.58 -5.90 -28.68
C GLU A 327 12.97 -5.40 -28.34
N ASP A 328 13.96 -5.69 -29.18
CA ASP A 328 15.32 -5.25 -28.93
C ASP A 328 15.77 -4.45 -30.14
N THR A 329 15.54 -3.14 -30.08
CA THR A 329 15.85 -2.24 -31.19
C THR A 329 16.20 -0.89 -30.58
N SER A 330 17.28 -0.27 -31.07
CA SER A 330 17.67 1.04 -30.59
C SER A 330 16.70 2.12 -31.07
N ASN A 331 16.68 3.23 -30.35
CA ASN A 331 15.77 4.34 -30.60
C ASN A 331 16.36 5.30 -31.63
N PHE A 332 17.57 5.02 -32.11
CA PHE A 332 18.32 5.98 -32.91
C PHE A 332 19.26 5.20 -33.82
N TYR A 333 19.63 5.84 -34.93
CA TYR A 333 20.48 5.21 -35.94
C TYR A 333 21.67 6.10 -36.25
N HIS A 334 22.77 5.47 -36.63
CA HIS A 334 23.86 6.30 -37.12
C HIS A 334 23.71 6.51 -38.62
N PRO A 335 23.97 7.73 -39.11
CA PRO A 335 23.92 7.97 -40.55
C PRO A 335 25.04 7.24 -41.28
N ASN A 336 24.71 6.77 -42.49
CA ASN A 336 25.60 6.05 -43.41
C ASN A 336 26.20 4.78 -42.80
N PHE A 337 25.42 4.11 -41.95
CA PHE A 337 25.85 2.86 -41.33
C PHE A 337 24.64 1.97 -41.18
N PRO A 338 24.80 0.64 -41.23
CA PRO A 338 23.64 -0.24 -41.11
C PRO A 338 23.03 -0.26 -39.71
N PHE A 339 21.72 -0.42 -39.68
CA PHE A 339 20.93 -0.43 -38.45
C PHE A 339 20.43 -1.84 -38.19
N SER A 340 20.36 -2.21 -36.92
CA SER A 340 19.93 -3.55 -36.55
C SER A 340 18.81 -3.49 -35.51
N GLY A 341 17.96 -4.51 -35.52
CA GLY A 341 16.95 -4.63 -34.50
C GLY A 341 16.31 -6.00 -34.58
N LYS A 342 15.48 -6.30 -33.58
CA LYS A 342 14.71 -7.53 -33.63
C LYS A 342 13.36 -7.37 -32.94
N ILE A 343 12.35 -7.99 -33.55
CA ILE A 343 10.93 -7.79 -33.26
C ILE A 343 10.36 -9.06 -32.65
N ARG A 344 9.70 -8.93 -31.51
CA ARG A 344 8.92 -10.02 -30.95
C ARG A 344 7.52 -9.99 -31.55
N VAL A 345 7.10 -11.11 -32.14
CA VAL A 345 5.79 -11.22 -32.80
C VAL A 345 4.95 -12.21 -32.00
N ARG A 346 3.73 -11.80 -31.64
CA ARG A 346 2.83 -12.61 -30.85
C ARG A 346 1.48 -12.69 -31.54
N GLY A 347 0.73 -13.74 -31.22
CA GLY A 347 -0.58 -13.97 -31.79
C GLY A 347 -1.70 -13.36 -30.99
N HIS A 348 -2.89 -13.94 -31.11
CA HIS A 348 -4.05 -13.47 -30.37
C HIS A 348 -3.96 -13.84 -28.90
N ASP A 349 -3.25 -14.92 -28.57
CA ASP A 349 -3.12 -15.42 -27.21
C ASP A 349 -1.71 -15.20 -26.66
N ASP A 350 -0.97 -14.25 -27.22
CA ASP A 350 0.43 -13.92 -26.89
C ASP A 350 1.35 -15.14 -27.03
N SER A 351 1.09 -15.95 -28.04
CA SER A 351 1.87 -17.15 -28.29
C SER A 351 3.00 -16.85 -29.27
N PHE A 352 3.99 -17.75 -29.27
CA PHE A 352 5.14 -17.62 -30.16
C PHE A 352 4.75 -18.18 -31.53
N LEU A 353 4.65 -17.30 -32.53
CA LEU A 353 4.19 -17.71 -33.84
C LEU A 353 5.25 -18.50 -34.60
N LYS A 354 4.79 -19.46 -35.39
CA LYS A 354 5.66 -20.36 -36.14
C LYS A 354 5.87 -19.79 -37.53
N ASN A 355 6.97 -19.04 -37.68
CA ASN A 355 7.51 -18.55 -38.98
C ASN A 355 6.50 -17.66 -39.71
N HIS A 356 5.95 -16.69 -38.98
CA HIS A 356 4.94 -15.81 -39.57
C HIS A 356 5.58 -14.79 -40.52
N LEU A 357 4.83 -14.42 -41.54
CA LEU A 357 5.30 -13.44 -42.53
C LEU A 357 5.07 -12.04 -41.97
N VAL A 358 6.16 -11.32 -41.72
CA VAL A 358 6.12 -10.00 -41.12
C VAL A 358 6.60 -8.98 -42.14
N PHE A 359 5.78 -7.96 -42.38
CA PHE A 359 6.14 -6.89 -43.30
C PHE A 359 6.68 -5.70 -42.52
N LEU A 360 7.55 -4.95 -43.16
CA LEU A 360 8.23 -3.82 -42.52
C LEU A 360 8.24 -2.65 -43.48
N VAL A 361 7.62 -1.54 -43.10
CA VAL A 361 7.56 -0.35 -43.93
C VAL A 361 8.24 0.80 -43.18
N ILE A 362 9.03 1.58 -43.92
CA ILE A 362 9.71 2.73 -43.35
C ILE A 362 8.99 3.99 -43.81
N TYR A 363 9.20 5.07 -43.07
CA TYR A 363 8.68 6.38 -43.41
C TYR A 363 9.82 7.38 -43.30
N GLY A 364 10.08 8.11 -44.39
CA GLY A 364 11.15 9.07 -44.41
C GLY A 364 11.00 10.01 -45.58
N THR A 365 11.89 11.00 -45.65
CA THR A 365 11.85 11.98 -46.73
C THR A 365 12.32 11.40 -48.06
N ASN A 366 13.11 10.33 -48.03
CA ASN A 366 13.53 9.68 -49.27
C ASN A 366 12.41 8.86 -49.90
N GLY A 367 11.40 8.49 -49.14
CA GLY A 367 10.29 7.72 -49.62
C GLY A 367 9.93 6.64 -48.63
N THR A 368 9.16 5.65 -49.11
CA THR A 368 8.74 4.53 -48.29
C THR A 368 9.26 3.24 -48.93
N PHE A 369 10.00 2.46 -48.14
CA PHE A 369 10.55 1.19 -48.57
C PHE A 369 9.86 0.05 -47.84
N ASN A 370 9.94 -1.14 -48.42
CA ASN A 370 9.23 -2.30 -47.90
C ASN A 370 10.20 -3.48 -47.75
N GLN A 371 9.90 -4.32 -46.76
CA GLN A 371 10.70 -5.51 -46.52
C GLN A 371 9.78 -6.63 -46.05
N THR A 372 10.09 -7.85 -46.47
CA THR A 372 9.34 -9.05 -46.10
C THR A 372 10.28 -9.98 -45.35
N LEU A 373 9.85 -10.48 -44.20
CA LEU A 373 10.74 -11.30 -43.41
C LEU A 373 9.94 -12.43 -42.76
N VAL A 374 10.64 -13.51 -42.44
CA VAL A 374 10.06 -14.69 -41.79
C VAL A 374 10.73 -14.86 -40.44
N THR A 375 9.93 -14.94 -39.38
CA THR A 375 10.44 -15.10 -38.03
C THR A 375 10.88 -16.54 -37.78
N ASP A 376 11.49 -16.75 -36.62
CA ASP A 376 11.96 -18.06 -36.20
C ASP A 376 10.88 -18.79 -35.39
N ASN A 377 11.29 -19.86 -34.70
CA ASN A 377 10.37 -20.58 -33.82
C ASN A 377 9.98 -19.77 -32.59
N ASN A 378 10.85 -18.90 -32.09
CA ASN A 378 10.57 -18.08 -30.92
C ASN A 378 9.89 -16.76 -31.26
N GLY A 379 9.54 -16.56 -32.53
CA GLY A 379 8.85 -15.34 -32.93
C GLY A 379 9.74 -14.13 -33.09
N LEU A 380 11.06 -14.29 -32.99
CA LEU A 380 11.96 -13.17 -33.13
C LEU A 380 12.19 -12.86 -34.61
N ALA A 381 12.28 -11.58 -34.91
CA ALA A 381 12.57 -11.09 -36.26
C ALA A 381 13.82 -10.22 -36.23
N PRO A 382 15.01 -10.78 -36.48
CA PRO A 382 16.18 -9.92 -36.69
C PRO A 382 16.10 -9.25 -38.06
N PHE A 383 16.14 -7.92 -38.07
CA PHE A 383 16.19 -7.17 -39.31
C PHE A 383 17.41 -6.26 -39.29
N THR A 384 18.04 -6.14 -40.45
CA THR A 384 19.17 -5.25 -40.66
C THR A 384 18.87 -4.38 -41.87
N LEU A 385 18.97 -3.06 -41.69
CA LEU A 385 18.55 -2.10 -42.68
C LEU A 385 19.74 -1.23 -43.11
N GLU A 386 19.71 -0.79 -44.36
CA GLU A 386 20.73 0.09 -44.90
C GLU A 386 20.24 1.53 -44.78
N THR A 387 21.00 2.36 -44.05
CA THR A 387 20.63 3.74 -43.79
C THR A 387 21.48 4.72 -44.58
N SER A 388 21.94 4.30 -45.76
CA SER A 388 22.84 5.14 -46.55
C SER A 388 22.11 6.28 -47.25
N GLY A 389 20.79 6.20 -47.39
CA GLY A 389 20.06 7.22 -48.12
C GLY A 389 19.11 8.04 -47.29
N TRP A 390 19.08 7.80 -45.97
CA TRP A 390 18.15 8.54 -45.12
C TRP A 390 18.63 9.95 -44.85
N ASN A 391 19.96 10.15 -44.83
CA ASN A 391 20.63 11.45 -44.85
C ASN A 391 20.30 12.31 -43.63
N GLY A 392 20.34 11.68 -42.45
CA GLY A 392 20.15 12.38 -41.18
C GLY A 392 18.77 12.94 -40.96
N THR A 393 17.73 12.18 -41.28
CA THR A 393 16.35 12.62 -41.12
C THR A 393 15.63 11.74 -40.11
N ASP A 394 14.60 12.30 -39.48
CA ASP A 394 13.76 11.54 -38.57
C ASP A 394 12.95 10.53 -39.36
N VAL A 395 13.15 9.25 -39.08
CA VAL A 395 12.46 8.20 -39.81
C VAL A 395 11.54 7.46 -38.86
N SER A 396 10.62 6.69 -39.45
CA SER A 396 9.68 5.89 -38.70
C SER A 396 9.68 4.46 -39.22
N LEU A 397 9.51 3.50 -38.33
CA LEU A 397 9.46 2.09 -38.68
C LEU A 397 8.12 1.52 -38.24
N GLU A 398 7.47 0.76 -39.12
CA GLU A 398 6.19 0.14 -38.81
C GLU A 398 6.22 -1.31 -39.26
N GLY A 399 6.09 -2.22 -38.29
CA GLY A 399 6.03 -3.64 -38.56
C GLY A 399 4.60 -4.12 -38.54
N LYS A 400 4.14 -4.61 -39.69
CA LYS A 400 2.75 -4.97 -39.91
C LYS A 400 2.64 -6.43 -40.33
N PHE A 401 1.39 -6.89 -40.39
CA PHE A 401 1.07 -8.23 -40.87
C PHE A 401 0.77 -8.26 -42.36
N GLN A 402 0.19 -7.20 -42.90
CA GLN A 402 -0.15 -7.14 -44.32
C GLN A 402 0.11 -5.73 -44.84
N MET A 403 0.36 -5.64 -46.15
CA MET A 403 0.61 -4.34 -46.79
C MET A 403 -0.65 -3.49 -46.81
N GLU A 404 -1.81 -4.10 -47.03
CA GLU A 404 -3.06 -3.38 -47.11
C GLU A 404 -3.46 -2.86 -45.73
N ASP A 405 -4.06 -1.67 -45.69
CA ASP A 405 -4.62 -1.13 -44.46
C ASP A 405 -5.76 -2.02 -43.98
N LEU A 406 -5.83 -2.19 -42.67
CA LEU A 406 -6.70 -3.21 -42.09
C LEU A 406 -8.17 -2.79 -42.14
N VAL A 407 -9.01 -3.68 -42.64
CA VAL A 407 -10.44 -3.43 -42.79
C VAL A 407 -11.17 -4.25 -41.73
N TYR A 408 -11.96 -3.58 -40.90
CA TYR A 408 -12.73 -4.21 -39.85
C TYR A 408 -14.22 -4.05 -40.14
N ASN A 409 -14.96 -5.13 -39.93
CA ASN A 409 -16.39 -5.13 -40.22
C ASN A 409 -17.19 -5.04 -38.92
N PRO A 410 -18.17 -4.13 -38.84
CA PRO A 410 -19.05 -4.12 -37.66
C PRO A 410 -19.96 -5.33 -37.58
N GLU A 411 -20.29 -5.95 -38.72
CA GLU A 411 -21.10 -7.17 -38.70
C GLU A 411 -20.30 -8.35 -38.18
N GLN A 412 -19.04 -8.46 -38.58
CA GLN A 412 -18.15 -9.46 -38.03
C GLN A 412 -17.68 -9.04 -36.64
N VAL A 413 -17.06 -9.98 -35.93
CA VAL A 413 -16.55 -9.77 -34.58
C VAL A 413 -15.37 -8.78 -34.63
N PRO A 414 -15.16 -7.97 -33.60
CA PRO A 414 -14.04 -7.02 -33.61
C PRO A 414 -12.69 -7.74 -33.51
N ARG A 415 -11.88 -7.59 -34.56
CA ARG A 415 -10.54 -8.15 -34.59
C ARG A 415 -9.60 -7.13 -35.20
N TYR A 416 -8.41 -6.99 -34.62
CA TYR A 416 -7.44 -6.06 -35.15
C TYR A 416 -6.04 -6.55 -34.84
N TYR A 417 -5.07 -6.02 -35.59
CA TYR A 417 -3.67 -6.37 -35.43
C TYR A 417 -2.92 -5.18 -34.85
N GLN A 418 -2.09 -5.44 -33.85
CA GLN A 418 -1.28 -4.40 -33.22
C GLN A 418 0.01 -4.25 -34.02
N ASN A 419 0.10 -3.20 -34.83
CA ASN A 419 1.29 -2.95 -35.62
C ASN A 419 2.37 -2.31 -34.75
N ALA A 420 3.60 -2.77 -34.91
CA ALA A 420 4.73 -2.21 -34.18
C ALA A 420 5.12 -0.86 -34.77
N TYR A 421 5.25 0.15 -33.92
CA TYR A 421 5.58 1.50 -34.35
C TYR A 421 6.81 1.98 -33.60
N LEU A 422 7.72 2.63 -34.33
CA LEU A 422 8.93 3.17 -33.72
C LEU A 422 9.35 4.42 -34.47
N HIS A 423 9.90 5.39 -33.74
CA HIS A 423 10.45 6.60 -34.34
C HIS A 423 11.94 6.65 -34.06
N LEU A 424 12.75 6.80 -35.11
CA LEU A 424 14.20 6.88 -34.98
C LEU A 424 14.67 8.26 -35.36
N ARG A 425 15.55 8.82 -34.54
CA ARG A 425 16.23 10.09 -34.76
C ARG A 425 17.68 9.84 -35.15
N PRO A 426 18.27 10.68 -35.99
CA PRO A 426 19.70 10.53 -36.30
C PRO A 426 20.56 10.96 -35.12
N PHE A 427 21.63 10.21 -34.91
CA PHE A 427 22.63 10.60 -33.91
C PHE A 427 23.38 11.83 -34.41
N TYR A 428 23.75 12.70 -33.47
CA TYR A 428 24.46 13.94 -33.80
C TYR A 428 25.87 13.58 -34.21
N SER A 429 26.09 13.53 -35.53
CA SER A 429 27.35 13.05 -36.10
C SER A 429 28.11 14.22 -36.69
N THR A 430 29.14 14.67 -35.98
CA THR A 430 30.15 15.53 -36.55
C THR A 430 31.33 14.74 -37.06
N THR A 431 31.31 13.42 -36.89
CA THR A 431 32.28 12.51 -37.45
C THR A 431 31.55 11.33 -38.07
N ARG A 432 32.24 10.61 -38.95
CA ARG A 432 31.65 9.49 -39.68
C ARG A 432 32.17 8.15 -39.16
N SER A 433 32.46 8.09 -37.88
CA SER A 433 32.81 6.84 -37.21
C SER A 433 31.56 6.20 -36.61
N PHE A 434 31.72 4.96 -36.14
CA PHE A 434 30.57 4.15 -35.78
C PHE A 434 30.82 3.33 -34.53
N LEU A 435 29.86 3.36 -33.60
CA LEU A 435 29.74 2.41 -32.50
C LEU A 435 28.40 1.70 -32.56
N GLY A 436 28.42 0.40 -32.25
CA GLY A 436 27.19 -0.32 -32.05
C GLY A 436 27.37 -1.49 -31.10
N ILE A 437 26.55 -1.56 -30.06
CA ILE A 437 26.61 -2.66 -29.10
C ILE A 437 25.52 -3.65 -29.46
N HIS A 438 25.91 -4.91 -29.62
CA HIS A 438 24.94 -5.99 -29.74
C HIS A 438 24.23 -6.21 -28.40
N ARG A 439 22.91 -6.26 -28.44
CA ARG A 439 22.13 -6.42 -27.23
C ARG A 439 22.15 -7.88 -26.78
N LEU A 440 21.80 -8.10 -25.52
CA LEU A 440 21.92 -9.41 -24.90
C LEU A 440 20.57 -10.07 -24.62
N ASN A 441 19.61 -9.88 -25.53
CA ASN A 441 18.36 -10.63 -25.63
C ASN A 441 17.44 -10.44 -24.43
N GLY A 442 17.16 -11.53 -23.71
CA GLY A 442 16.16 -11.52 -22.67
C GLY A 442 16.68 -11.01 -21.34
N PRO A 443 16.00 -11.39 -20.24
CA PRO A 443 16.44 -10.97 -18.91
C PRO A 443 17.75 -11.64 -18.51
N LEU A 444 18.72 -10.82 -18.13
CA LEU A 444 20.06 -11.32 -17.86
C LEU A 444 20.14 -11.89 -16.44
N LYS A 445 20.94 -12.92 -16.29
CA LYS A 445 21.17 -13.51 -14.97
C LYS A 445 22.10 -12.61 -14.17
N CYS A 446 21.70 -12.34 -12.93
CA CYS A 446 22.46 -11.45 -12.05
C CYS A 446 23.68 -12.17 -11.49
N GLY A 447 24.83 -11.50 -11.54
CA GLY A 447 26.05 -12.02 -10.99
C GLY A 447 26.88 -12.85 -11.94
N GLN A 448 26.30 -13.34 -13.03
CA GLN A 448 27.08 -14.06 -14.03
C GLN A 448 27.84 -13.06 -14.90
N PRO A 449 29.12 -13.31 -15.18
CA PRO A 449 29.88 -12.37 -16.00
C PRO A 449 29.50 -12.44 -17.47
N GLN A 450 28.82 -11.41 -17.93
CA GLN A 450 28.34 -11.34 -19.30
C GLN A 450 29.40 -10.76 -20.22
N GLU A 451 29.43 -11.25 -21.45
CA GLU A 451 30.33 -10.76 -22.48
C GLU A 451 29.54 -9.87 -23.43
N VAL A 452 30.03 -8.66 -23.63
CA VAL A 452 29.37 -7.66 -24.47
C VAL A 452 30.26 -7.42 -25.67
N LEU A 453 29.73 -7.65 -26.86
CA LEU A 453 30.52 -7.56 -28.09
C LEU A 453 30.09 -6.30 -28.82
N VAL A 454 30.98 -5.32 -28.89
CA VAL A 454 30.72 -4.03 -29.49
C VAL A 454 31.50 -3.91 -30.81
N ASP A 455 30.79 -3.49 -31.85
CA ASP A 455 31.38 -3.21 -33.15
C ASP A 455 31.74 -1.74 -33.24
N TYR A 456 32.87 -1.45 -33.87
CA TYR A 456 33.27 -0.08 -34.12
C TYR A 456 33.90 0.02 -35.51
N TYR A 457 33.82 1.23 -36.05
CA TYR A 457 34.51 1.58 -37.29
C TYR A 457 35.05 2.99 -37.14
N ILE A 458 36.36 3.11 -37.06
CA ILE A 458 37.04 4.40 -36.92
C ILE A 458 37.29 4.96 -38.31
N ASP A 459 36.91 6.20 -38.54
CA ASP A 459 37.24 6.87 -39.81
C ASP A 459 38.73 7.14 -39.89
N PRO A 460 39.38 6.81 -41.01
CA PRO A 460 40.83 7.08 -41.13
C PRO A 460 41.19 8.56 -41.18
N ALA A 461 40.29 9.41 -41.68
CA ALA A 461 40.59 10.84 -41.70
C ALA A 461 40.47 11.46 -40.32
N ASP A 462 39.65 10.88 -39.45
CA ASP A 462 39.55 11.31 -38.05
C ASP A 462 40.34 10.41 -37.12
N ALA A 463 41.17 9.50 -37.66
CA ALA A 463 41.85 8.52 -36.82
C ALA A 463 43.00 9.16 -36.03
N SER A 464 43.80 10.01 -36.71
CA SER A 464 45.12 10.49 -36.29
C SER A 464 45.99 9.29 -35.91
N PRO A 465 46.49 8.52 -36.88
CA PRO A 465 47.02 7.19 -36.58
C PRO A 465 48.39 7.15 -35.93
N ASP A 466 48.95 8.28 -35.49
CA ASP A 466 50.19 8.30 -34.75
C ASP A 466 49.98 8.20 -33.24
N GLN A 467 48.74 8.07 -32.77
CA GLN A 467 48.44 8.03 -31.35
C GLN A 467 47.38 6.96 -31.08
N GLU A 468 47.40 6.47 -29.84
CA GLU A 468 46.45 5.44 -29.41
C GLU A 468 45.04 6.02 -29.32
N ILE A 469 44.05 5.22 -29.69
CA ILE A 469 42.65 5.64 -29.62
C ILE A 469 41.96 4.86 -28.50
N SER A 470 41.20 5.58 -27.69
CA SER A 470 40.66 5.06 -26.44
C SER A 470 39.14 5.05 -26.48
N PHE A 471 38.55 4.11 -25.75
CA PHE A 471 37.11 3.88 -25.76
C PHE A 471 36.64 3.88 -24.31
N SER A 472 35.97 4.94 -23.89
CA SER A 472 35.57 5.09 -22.50
C SER A 472 34.16 4.57 -22.32
N TYR A 473 33.97 3.65 -21.39
CA TYR A 473 32.67 3.04 -21.15
C TYR A 473 32.28 3.15 -19.69
N TYR A 474 30.99 3.41 -19.47
CA TYR A 474 30.38 3.43 -18.16
C TYR A 474 29.19 2.48 -18.14
N LEU A 475 29.15 1.58 -17.16
CA LEU A 475 27.96 0.81 -16.84
C LEU A 475 27.31 1.47 -15.64
N ILE A 476 26.06 1.90 -15.83
CA ILE A 476 25.34 2.81 -14.94
C ILE A 476 24.08 2.12 -14.45
N GLY A 477 23.89 2.09 -13.14
CA GLY A 477 22.69 1.50 -12.58
C GLY A 477 22.07 2.37 -11.50
N LYS A 478 20.74 2.59 -11.61
CA LYS A 478 19.93 3.39 -10.70
C LYS A 478 20.44 4.82 -10.56
N GLY A 479 20.89 5.40 -11.68
CA GLY A 479 21.32 6.78 -11.69
C GLY A 479 22.66 7.05 -11.07
N SER A 480 23.47 6.02 -10.80
CA SER A 480 24.79 6.19 -10.26
C SER A 480 25.77 5.36 -11.06
N LEU A 481 27.00 5.85 -11.15
CA LEU A 481 28.06 5.13 -11.85
C LEU A 481 28.43 3.87 -11.08
N VAL A 482 28.33 2.71 -11.72
CA VAL A 482 28.67 1.48 -11.03
C VAL A 482 30.05 1.01 -11.44
N MET A 483 30.28 0.77 -12.73
CA MET A 483 31.64 0.40 -13.12
C MET A 483 32.03 1.13 -14.39
N GLU A 484 33.34 1.24 -14.59
CA GLU A 484 33.88 2.12 -15.61
C GLU A 484 34.98 1.40 -16.37
N GLY A 485 35.54 2.11 -17.34
CA GLY A 485 36.79 1.67 -17.93
C GLY A 485 37.10 2.47 -19.16
N GLN A 486 38.31 2.27 -19.66
CA GLN A 486 38.76 2.92 -20.90
C GLN A 486 39.65 1.93 -21.64
N LYS A 487 39.09 1.28 -22.65
CA LYS A 487 39.83 0.31 -23.46
C LYS A 487 40.70 1.05 -24.47
N HIS A 488 42.00 0.78 -24.44
CA HIS A 488 42.95 1.43 -25.33
C HIS A 488 43.28 0.49 -26.48
N LEU A 489 43.30 1.02 -27.70
CA LEU A 489 43.69 0.20 -28.84
C LEU A 489 44.38 1.07 -29.87
N ASN A 490 45.20 0.43 -30.70
CA ASN A 490 46.04 1.15 -31.65
C ASN A 490 45.22 1.68 -32.81
N SER A 491 45.59 2.88 -33.28
CA SER A 491 44.96 3.49 -34.44
C SER A 491 45.66 3.11 -35.75
N LYS A 492 46.53 2.11 -35.71
CA LYS A 492 47.17 1.59 -36.91
C LYS A 492 46.30 0.57 -37.64
N LYS A 493 45.11 0.26 -37.11
CA LYS A 493 44.13 -0.50 -37.87
C LYS A 493 43.49 0.36 -38.94
N LYS A 494 43.38 1.67 -38.69
CA LYS A 494 42.71 2.69 -39.53
C LYS A 494 41.26 2.28 -39.71
N GLY A 495 40.72 2.30 -40.93
CA GLY A 495 39.31 2.04 -41.12
C GLY A 495 38.99 0.62 -41.54
N LEU A 496 38.51 -0.17 -40.58
CA LEU A 496 38.00 -1.50 -40.87
C LEU A 496 36.93 -1.84 -39.85
N LYS A 497 35.96 -2.64 -40.29
CA LYS A 497 34.82 -3.05 -39.48
C LYS A 497 35.31 -4.01 -38.40
N ALA A 498 35.51 -3.50 -37.18
CA ALA A 498 36.12 -4.29 -36.13
C ALA A 498 35.16 -4.44 -34.97
N SER A 499 35.55 -5.27 -34.00
CA SER A 499 34.74 -5.51 -32.82
C SER A 499 35.63 -5.94 -31.67
N PHE A 500 35.34 -5.42 -30.49
CA PHE A 500 35.98 -5.91 -29.27
C PHE A 500 34.90 -6.26 -28.24
N SER A 501 35.35 -6.63 -27.04
CA SER A 501 34.43 -7.17 -26.05
C SER A 501 34.72 -6.58 -24.68
N LEU A 502 33.69 -6.58 -23.84
CA LEU A 502 33.73 -6.08 -22.47
C LEU A 502 33.14 -7.14 -21.56
N SER A 503 33.75 -7.32 -20.40
CA SER A 503 33.26 -8.28 -19.41
C SER A 503 32.53 -7.48 -18.33
N LEU A 504 31.20 -7.58 -18.31
CA LEU A 504 30.39 -6.86 -17.35
C LEU A 504 29.78 -7.84 -16.35
N THR A 505 29.35 -7.29 -15.22
CA THR A 505 28.70 -8.09 -14.18
C THR A 505 27.59 -7.26 -13.58
N PHE A 506 26.39 -7.82 -13.52
CA PHE A 506 25.22 -7.14 -13.00
C PHE A 506 24.95 -7.62 -11.58
N THR A 507 24.71 -6.68 -10.67
CA THR A 507 24.49 -7.00 -9.26
C THR A 507 23.35 -6.13 -8.74
N SER A 508 23.22 -6.09 -7.42
CA SER A 508 22.13 -5.36 -6.76
C SER A 508 22.21 -3.87 -6.99
N ARG A 509 23.43 -3.32 -7.08
CA ARG A 509 23.62 -1.91 -7.38
C ARG A 509 23.18 -1.57 -8.79
N LEU A 510 23.20 -2.54 -9.70
CA LEU A 510 22.68 -2.31 -11.03
C LEU A 510 21.17 -2.30 -10.99
N ALA A 511 20.58 -1.62 -11.96
CA ALA A 511 19.14 -1.46 -12.04
C ALA A 511 18.49 -2.76 -12.51
N PRO A 512 17.16 -2.89 -12.41
CA PRO A 512 16.48 -3.87 -13.28
C PRO A 512 16.66 -3.58 -14.76
N ASP A 513 16.75 -2.31 -15.15
CA ASP A 513 17.14 -1.93 -16.51
C ASP A 513 18.28 -0.92 -16.48
N PRO A 514 19.51 -1.38 -16.26
CA PRO A 514 20.66 -0.49 -16.25
C PRO A 514 21.07 -0.14 -17.67
N SER A 515 22.05 0.76 -17.77
CA SER A 515 22.45 1.29 -19.07
C SER A 515 23.95 1.18 -19.25
N LEU A 516 24.36 1.10 -20.50
CA LEU A 516 25.77 1.11 -20.87
C LEU A 516 26.00 2.24 -21.87
N VAL A 517 26.94 3.12 -21.57
CA VAL A 517 27.29 4.22 -22.45
C VAL A 517 28.76 4.07 -22.84
N ILE A 518 29.02 3.98 -24.14
CA ILE A 518 30.38 3.86 -24.66
C ILE A 518 30.62 5.02 -25.61
N TYR A 519 31.75 5.72 -25.44
CA TYR A 519 32.10 6.75 -26.39
C TYR A 519 33.59 6.70 -26.70
N ALA A 520 33.97 7.52 -27.67
CA ALA A 520 35.35 7.77 -28.04
C ALA A 520 35.45 9.21 -28.53
N ILE A 521 36.49 9.90 -28.08
CA ILE A 521 36.70 11.31 -28.41
C ILE A 521 37.90 11.38 -29.35
N PHE A 522 37.71 12.00 -30.47
CA PHE A 522 38.82 12.21 -31.39
C PHE A 522 39.52 13.53 -31.09
N PRO A 523 40.81 13.68 -31.44
CA PRO A 523 41.49 14.97 -31.18
C PRO A 523 41.01 16.14 -32.04
N SER A 524 40.20 15.90 -33.06
CA SER A 524 39.52 16.99 -33.76
C SER A 524 38.42 17.62 -32.91
N GLY A 525 37.94 16.91 -31.89
CA GLY A 525 36.89 17.40 -31.02
C GLY A 525 35.60 16.62 -31.12
N GLY A 526 35.49 15.70 -32.06
CA GLY A 526 34.26 14.96 -32.22
C GLY A 526 34.09 13.84 -31.22
N VAL A 527 32.84 13.47 -31.00
CA VAL A 527 32.47 12.35 -30.14
C VAL A 527 31.70 11.34 -30.97
N VAL A 528 32.05 10.07 -30.82
CA VAL A 528 31.25 8.97 -31.34
C VAL A 528 30.85 8.07 -30.18
N ALA A 529 29.60 7.67 -30.14
CA ALA A 529 29.07 7.04 -28.93
C ALA A 529 27.89 6.15 -29.27
N ASP A 530 27.59 5.24 -28.34
CA ASP A 530 26.34 4.49 -28.40
C ASP A 530 25.99 4.08 -26.98
N LYS A 531 24.68 4.11 -26.68
CA LYS A 531 24.16 3.79 -25.36
C LYS A 531 23.04 2.79 -25.51
N ILE A 532 23.07 1.70 -24.75
CA ILE A 532 21.94 0.79 -24.70
C ILE A 532 21.44 0.69 -23.27
N GLN A 533 20.29 0.03 -23.13
CA GLN A 533 19.74 -0.35 -21.84
C GLN A 533 19.62 -1.86 -21.78
N PHE A 534 20.11 -2.46 -20.70
CA PHE A 534 20.00 -3.89 -20.52
C PHE A 534 18.68 -4.23 -19.83
N SER A 535 18.52 -5.49 -19.47
CA SER A 535 17.36 -5.97 -18.72
C SER A 535 17.86 -7.05 -17.77
N VAL A 536 17.95 -6.71 -16.48
CA VAL A 536 18.43 -7.62 -15.46
C VAL A 536 17.25 -7.97 -14.57
N GLU A 537 17.19 -9.23 -14.12
CA GLU A 537 16.15 -9.65 -13.20
C GLU A 537 16.35 -8.98 -11.83
N MET A 538 15.28 -8.93 -11.06
CA MET A 538 15.26 -8.24 -9.76
C MET A 538 16.12 -9.03 -8.79
N CYS A 539 17.33 -8.55 -8.57
CA CYS A 539 18.39 -9.32 -7.93
C CYS A 539 18.66 -8.84 -6.51
N PHE A 540 19.11 -9.75 -5.67
CA PHE A 540 19.59 -9.44 -4.34
C PHE A 540 21.00 -9.96 -4.18
N ASP A 541 21.86 -9.14 -3.56
CA ASP A 541 23.27 -9.48 -3.43
C ASP A 541 23.46 -10.63 -2.44
N ASN A 542 22.66 -10.67 -1.39
CA ASN A 542 22.68 -11.78 -0.44
C ASN A 542 21.92 -12.92 -1.10
N GLN A 543 22.64 -13.78 -1.81
CA GLN A 543 22.04 -14.91 -2.52
C GLN A 543 21.65 -15.97 -1.50
N VAL A 544 20.38 -15.97 -1.11
CA VAL A 544 19.86 -16.87 -0.09
C VAL A 544 18.96 -17.92 -0.75
N SER A 545 19.15 -19.17 -0.36
CA SER A 545 18.28 -20.27 -0.73
C SER A 545 17.78 -20.94 0.54
N LEU A 546 16.47 -21.12 0.64
CA LEU A 546 15.86 -21.85 1.73
C LEU A 546 15.35 -23.18 1.19
N GLY A 547 15.73 -24.27 1.84
CA GLY A 547 15.39 -25.58 1.33
C GLY A 547 15.02 -26.53 2.45
N PHE A 548 14.30 -27.58 2.07
CA PHE A 548 13.95 -28.67 2.97
C PHE A 548 14.50 -29.97 2.43
N SER A 549 14.75 -30.91 3.35
CA SER A 549 14.97 -32.28 2.96
C SER A 549 14.20 -33.12 3.98
N PRO A 550 13.46 -34.15 3.55
CA PRO A 550 13.29 -34.66 2.19
C PRO A 550 12.25 -33.94 1.34
N SER A 551 11.75 -32.79 1.81
CA SER A 551 10.78 -31.89 1.18
C SER A 551 9.38 -32.48 1.03
N GLN A 552 9.13 -33.67 1.57
CA GLN A 552 7.79 -34.21 1.80
C GLN A 552 7.96 -35.32 2.84
N GLN A 553 7.34 -35.18 4.00
CA GLN A 553 7.52 -36.19 5.03
C GLN A 553 6.24 -36.24 5.86
N LEU A 554 6.03 -37.39 6.51
CA LEU A 554 4.89 -37.65 7.36
C LEU A 554 4.81 -36.65 8.50
N PRO A 555 3.61 -36.22 8.91
CA PRO A 555 3.50 -35.26 10.01
C PRO A 555 3.87 -35.87 11.34
N GLY A 556 4.58 -35.09 12.15
CA GLY A 556 5.16 -35.60 13.37
C GLY A 556 6.57 -36.10 13.21
N ALA A 557 7.32 -35.60 12.23
CA ALA A 557 8.67 -36.03 11.96
C ALA A 557 9.52 -34.82 11.62
N GLU A 558 10.84 -35.00 11.69
CA GLU A 558 11.78 -33.89 11.57
C GLU A 558 12.26 -33.76 10.14
N VAL A 559 12.15 -32.56 9.58
CA VAL A 559 12.80 -32.23 8.31
C VAL A 559 14.03 -31.41 8.61
N GLU A 560 14.96 -31.42 7.66
CA GLU A 560 16.17 -30.61 7.72
C GLU A 560 15.94 -29.35 6.92
N LEU A 561 16.05 -28.20 7.58
CA LEU A 561 15.85 -26.89 7.00
C LEU A 561 17.19 -26.23 6.78
N GLN A 562 17.40 -25.70 5.58
CA GLN A 562 18.70 -25.20 5.14
C GLN A 562 18.57 -23.77 4.68
N LEU A 563 19.30 -22.87 5.33
CA LEU A 563 19.50 -21.50 4.87
C LEU A 563 20.87 -21.40 4.22
N GLN A 564 20.92 -20.77 3.06
CA GLN A 564 22.18 -20.47 2.39
C GLN A 564 22.18 -18.97 2.09
N ALA A 565 22.82 -18.20 2.96
CA ALA A 565 22.91 -16.76 2.80
C ALA A 565 24.38 -16.34 2.86
N ALA A 566 24.61 -15.03 2.80
CA ALA A 566 25.94 -14.50 2.98
C ALA A 566 26.38 -14.68 4.43
N PRO A 567 27.67 -14.84 4.70
CA PRO A 567 28.14 -14.98 6.08
C PRO A 567 27.95 -13.71 6.89
N GLY A 568 27.62 -13.88 8.16
CA GLY A 568 27.32 -12.76 9.01
C GLY A 568 25.91 -12.20 8.86
N SER A 569 24.99 -12.97 8.29
CA SER A 569 23.63 -12.51 8.07
C SER A 569 22.75 -12.90 9.25
N LEU A 570 21.63 -12.21 9.37
CA LEU A 570 20.54 -12.57 10.25
C LEU A 570 19.34 -12.89 9.37
N CYS A 571 18.95 -14.16 9.33
CA CYS A 571 17.82 -14.60 8.54
C CYS A 571 16.55 -14.57 9.38
N ALA A 572 15.44 -14.26 8.74
CA ALA A 572 14.13 -14.23 9.35
C ALA A 572 13.25 -15.15 8.54
N LEU A 573 12.66 -16.14 9.20
CA LEU A 573 11.98 -17.24 8.55
C LEU A 573 10.53 -17.30 8.98
N ARG A 574 9.65 -17.45 7.98
CA ARG A 574 8.22 -17.66 8.18
C ARG A 574 7.81 -18.91 7.40
N ALA A 575 7.27 -19.90 8.11
CA ALA A 575 6.68 -21.07 7.50
C ALA A 575 5.24 -21.14 7.98
N VAL A 576 4.32 -20.93 7.05
CA VAL A 576 2.89 -20.75 7.32
C VAL A 576 2.13 -21.83 6.55
N ASP A 577 0.92 -22.15 7.01
CA ASP A 577 0.08 -23.11 6.33
C ASP A 577 -0.50 -22.47 5.06
N GLU A 578 -0.70 -23.30 4.04
CA GLU A 578 -1.31 -22.82 2.80
C GLU A 578 -2.80 -22.56 2.98
N SER A 579 -3.41 -23.26 3.95
CA SER A 579 -4.84 -23.09 4.23
C SER A 579 -5.15 -21.70 4.79
N VAL A 580 -4.18 -21.06 5.43
CA VAL A 580 -4.31 -19.65 5.80
C VAL A 580 -4.33 -18.79 4.54
N LEU A 581 -3.49 -19.13 3.56
CA LEU A 581 -3.40 -18.34 2.34
C LEU A 581 -4.57 -18.56 1.40
N LEU A 582 -5.33 -19.64 1.58
CA LEU A 582 -6.54 -19.81 0.78
C LEU A 582 -7.66 -18.87 1.22
N LEU A 583 -7.68 -18.48 2.49
CA LEU A 583 -8.69 -17.54 2.97
C LEU A 583 -8.35 -16.12 2.58
N ARG A 584 -7.23 -15.62 3.08
CA ARG A 584 -6.75 -14.30 2.75
C ARG A 584 -5.38 -14.41 2.12
N PRO A 585 -5.17 -13.85 0.92
CA PRO A 585 -3.81 -13.74 0.39
C PRO A 585 -3.03 -12.72 1.19
N ASP A 586 -1.82 -13.11 1.60
CA ASP A 586 -1.00 -12.24 2.41
C ASP A 586 -0.41 -11.12 1.58
N ARG A 587 0.11 -10.11 2.27
CA ARG A 587 0.77 -9.00 1.60
C ARG A 587 2.07 -9.46 0.97
N GLU A 588 2.31 -9.01 -0.26
CA GLU A 588 3.34 -9.60 -1.10
C GLU A 588 4.72 -9.17 -0.64
N LEU A 589 5.53 -10.14 -0.23
CA LEU A 589 6.94 -9.92 0.03
C LEU A 589 7.69 -10.72 -1.02
N SER A 590 7.88 -10.08 -2.18
CA SER A 590 8.62 -10.63 -3.29
C SER A 590 9.69 -9.62 -3.67
N ASN A 591 10.52 -9.97 -4.65
CA ASN A 591 11.57 -9.06 -5.07
C ASN A 591 11.02 -7.88 -5.86
N ARG A 592 9.88 -8.08 -6.52
CA ARG A 592 9.22 -6.99 -7.23
C ARG A 592 8.66 -5.96 -6.25
N SER A 593 8.13 -6.41 -5.11
CA SER A 593 7.60 -5.50 -4.11
C SER A 593 8.70 -4.72 -3.40
N VAL A 594 9.84 -5.38 -3.13
CA VAL A 594 10.96 -4.72 -2.48
C VAL A 594 11.61 -3.71 -3.43
N TYR A 595 11.77 -4.07 -4.71
CA TYR A 595 12.31 -3.13 -5.68
C TYR A 595 11.33 -2.00 -5.99
N GLY A 596 10.02 -2.24 -5.87
CA GLY A 596 9.05 -1.24 -6.26
C GLY A 596 8.85 -0.13 -5.26
N MET A 597 9.24 -0.33 -4.00
CA MET A 597 9.10 0.73 -3.02
C MET A 597 10.20 1.79 -3.12
N PHE A 598 11.24 1.54 -3.91
CA PHE A 598 12.13 2.59 -4.37
C PHE A 598 11.77 2.93 -5.80
N PRO A 599 11.29 4.16 -6.07
CA PRO A 599 10.15 4.36 -6.99
C PRO A 599 10.27 3.92 -8.45
N PHE A 600 11.14 4.56 -9.23
CA PHE A 600 11.15 4.26 -10.67
C PHE A 600 12.53 4.37 -11.31
N TRP A 601 13.61 4.40 -10.51
CA TRP A 601 15.01 4.72 -10.84
C TRP A 601 15.18 6.09 -11.52
N TYR A 602 16.43 6.49 -11.75
CA TYR A 602 16.70 7.90 -12.02
C TYR A 602 16.76 8.07 -13.53
N GLY A 603 15.61 8.42 -14.12
CA GLY A 603 15.49 8.49 -15.55
C GLY A 603 15.99 9.77 -16.18
N HIS A 604 15.73 10.90 -15.55
CA HIS A 604 16.17 12.19 -16.06
C HIS A 604 16.70 13.02 -14.91
N TYR A 605 17.06 14.27 -15.22
CA TYR A 605 17.43 15.21 -14.18
C TYR A 605 16.19 15.65 -13.42
N PRO A 606 16.33 16.00 -12.14
CA PRO A 606 15.22 16.62 -11.41
C PRO A 606 14.91 18.01 -11.93
N TYR A 607 13.70 18.46 -11.60
CA TYR A 607 13.24 19.79 -11.99
C TYR A 607 14.00 20.91 -11.27
N GLN A 608 14.63 20.62 -10.13
CA GLN A 608 15.44 21.61 -9.44
C GLN A 608 16.71 21.93 -10.22
N VAL A 609 17.34 20.92 -10.83
CA VAL A 609 18.62 21.07 -11.49
C VAL A 609 18.52 20.77 -12.99
N ALA A 610 17.33 20.89 -13.57
CA ALA A 610 17.15 20.60 -14.99
C ALA A 610 17.78 21.69 -15.85
N GLU A 611 18.38 21.26 -16.95
CA GLU A 611 18.97 22.17 -17.92
C GLU A 611 18.08 22.18 -19.15
N TYR A 612 17.75 23.37 -19.63
CA TYR A 612 16.87 23.53 -20.78
C TYR A 612 17.49 24.50 -21.77
N ASP A 613 17.04 24.40 -23.03
CA ASP A 613 17.56 25.24 -24.09
C ASP A 613 17.01 26.65 -23.96
N GLN A 614 17.91 27.63 -23.97
CA GLN A 614 17.54 29.04 -23.81
C GLN A 614 17.19 29.60 -25.19
N CYS A 615 15.90 29.63 -25.50
CA CYS A 615 15.43 30.15 -26.78
C CYS A 615 14.03 30.73 -26.65
N THR A 651 19.70 13.82 -30.85
CA THR A 651 20.14 12.81 -29.89
C THR A 651 21.66 12.73 -29.91
N ASP A 652 22.27 12.96 -28.76
CA ASP A 652 23.71 13.11 -28.64
C ASP A 652 24.16 12.56 -27.29
N LEU A 653 25.42 12.82 -26.94
CA LEU A 653 25.98 12.22 -25.71
C LEU A 653 25.44 12.93 -24.47
N PHE A 654 25.13 14.22 -24.59
CA PHE A 654 24.45 14.93 -23.49
C PHE A 654 23.05 14.35 -23.26
N SER A 655 22.34 14.00 -24.33
CA SER A 655 21.06 13.32 -24.18
C SER A 655 21.23 11.90 -23.66
N PHE A 656 22.36 11.26 -23.98
CA PHE A 656 22.66 9.93 -23.44
C PHE A 656 22.83 9.99 -21.93
N PHE A 657 23.53 11.00 -21.44
CA PHE A 657 23.71 11.11 -20.01
C PHE A 657 22.50 11.76 -19.32
N ARG A 658 21.64 12.44 -20.07
CA ARG A 658 20.39 12.91 -19.50
C ARG A 658 19.41 11.75 -19.33
N ASP A 659 19.37 10.82 -20.29
CA ASP A 659 18.46 9.68 -20.21
C ASP A 659 18.88 8.66 -19.16
N VAL A 660 20.09 8.74 -18.62
CA VAL A 660 20.49 7.94 -17.47
C VAL A 660 20.58 8.78 -16.21
N GLY A 661 20.34 10.08 -16.30
CA GLY A 661 20.36 10.97 -15.16
C GLY A 661 21.73 11.22 -14.57
N LEU A 662 22.70 11.58 -15.42
CA LEU A 662 24.05 11.89 -14.99
C LEU A 662 24.50 13.21 -15.59
N LYS A 663 25.13 14.04 -14.76
CA LYS A 663 25.68 15.30 -15.21
C LYS A 663 27.01 15.08 -15.92
N ILE A 664 27.12 15.64 -17.12
CA ILE A 664 28.34 15.72 -17.89
C ILE A 664 28.84 17.17 -17.89
N LEU A 665 30.14 17.34 -17.82
CA LEU A 665 30.78 18.65 -17.99
C LEU A 665 31.93 18.45 -18.97
N SER A 666 31.78 18.96 -20.18
CA SER A 666 32.82 18.79 -21.19
C SER A 666 32.79 19.95 -22.17
N ASN A 667 33.94 20.22 -22.79
CA ASN A 667 34.08 21.28 -23.78
C ASN A 667 34.10 20.74 -25.20
N ALA A 668 33.80 19.46 -25.39
CA ALA A 668 33.83 18.85 -26.71
C ALA A 668 32.52 19.12 -27.44
N LYS A 669 32.30 18.44 -28.56
CA LYS A 669 31.08 18.61 -29.35
C LYS A 669 29.97 17.71 -28.82
N ILE A 670 29.57 17.97 -27.58
CA ILE A 670 28.69 17.09 -26.85
C ILE A 670 27.22 17.46 -27.04
N LYS A 671 26.91 18.75 -26.95
CA LYS A 671 25.54 19.23 -27.00
C LYS A 671 25.21 19.70 -28.41
N LYS A 672 24.11 19.19 -28.96
CA LYS A 672 23.68 19.57 -30.29
C LYS A 672 23.13 20.99 -30.29
N PRO A 673 23.44 21.79 -31.32
CA PRO A 673 22.78 23.09 -31.46
C PRO A 673 21.29 22.95 -31.73
N VAL A 674 20.50 23.76 -31.03
CA VAL A 674 19.04 23.64 -31.01
C VAL A 674 18.43 24.84 -31.72
N ASP A 675 17.50 24.57 -32.63
CA ASP A 675 16.70 25.61 -33.27
C ASP A 675 15.28 25.55 -32.72
N CYS A 676 14.79 26.66 -32.21
CA CYS A 676 13.44 26.73 -31.65
C CYS A 676 12.53 27.57 -32.53
N ASP A 708 1.42 -49.42 15.30
CA ASP A 708 1.95 -48.10 15.00
C ASP A 708 0.79 -47.10 14.99
N SER A 709 0.92 -46.05 15.80
CA SER A 709 -0.13 -45.05 15.92
C SER A 709 0.48 -43.71 16.32
N GLN A 710 -0.27 -42.64 16.08
CA GLN A 710 0.12 -41.32 16.56
C GLN A 710 -1.13 -40.53 16.89
N VAL A 711 -0.96 -39.53 17.75
CA VAL A 711 -2.03 -38.60 18.09
C VAL A 711 -1.70 -37.27 17.44
N ARG A 712 -2.63 -36.75 16.65
CA ARG A 712 -2.39 -35.54 15.87
C ARG A 712 -3.02 -34.35 16.57
N GLN A 713 -2.27 -33.78 17.50
CA GLN A 713 -2.55 -32.48 18.09
C GLN A 713 -1.43 -31.51 17.71
N TYR A 714 -1.80 -30.30 17.35
CA TYR A 714 -0.91 -29.49 16.53
C TYR A 714 -1.27 -28.02 16.65
N PHE A 715 -0.73 -27.23 15.72
CA PHE A 715 -0.91 -25.77 15.72
C PHE A 715 -0.83 -25.29 14.28
N PRO A 716 -1.92 -25.47 13.52
CA PRO A 716 -1.85 -25.37 12.07
C PRO A 716 -2.03 -23.97 11.53
N GLU A 717 -1.41 -22.98 12.15
CA GLU A 717 -1.57 -21.61 11.70
C GLU A 717 -0.25 -20.99 11.28
N THR A 718 0.76 -21.04 12.14
CA THR A 718 2.11 -20.65 11.79
C THR A 718 3.05 -21.68 12.37
N TRP A 719 3.75 -22.39 11.49
CA TRP A 719 4.73 -23.35 11.96
C TRP A 719 5.97 -22.63 12.50
N LEU A 720 6.64 -21.87 11.65
CA LEU A 720 7.94 -21.33 12.03
C LEU A 720 7.95 -19.82 11.90
N TRP A 721 8.50 -19.17 12.91
CA TRP A 721 8.70 -17.72 12.92
C TRP A 721 9.94 -17.47 13.75
N ASP A 722 11.09 -17.35 13.07
CA ASP A 722 12.35 -17.36 13.80
C ASP A 722 13.36 -16.42 13.17
N LEU A 723 14.37 -16.08 13.97
CA LEU A 723 15.57 -15.38 13.51
C LEU A 723 16.77 -16.29 13.73
N PHE A 724 17.59 -16.43 12.70
CA PHE A 724 18.71 -17.36 12.68
C PHE A 724 19.98 -16.60 12.34
N PRO A 725 21.00 -16.62 13.20
CA PRO A 725 22.30 -16.07 12.78
C PRO A 725 22.99 -17.00 11.81
N ILE A 726 23.74 -16.41 10.89
CA ILE A 726 24.46 -17.16 9.86
C ILE A 726 25.94 -17.04 10.14
N GLY A 727 26.61 -18.19 10.27
CA GLY A 727 28.02 -18.21 10.59
C GLY A 727 28.90 -17.92 9.38
N ASN A 728 30.19 -18.25 9.54
CA ASN A 728 31.17 -17.96 8.49
C ASN A 728 31.03 -18.88 7.29
N SER A 729 30.39 -20.04 7.45
CA SER A 729 30.23 -20.95 6.33
C SER A 729 29.19 -20.46 5.34
N GLY A 730 28.21 -19.68 5.81
CA GLY A 730 27.12 -19.23 4.98
C GLY A 730 25.96 -20.20 4.89
N LYS A 731 26.07 -21.36 5.52
CA LYS A 731 25.04 -22.39 5.50
C LYS A 731 24.63 -22.71 6.92
N GLU A 732 23.33 -22.71 7.20
CA GLU A 732 22.81 -23.12 8.49
C GLU A 732 21.74 -24.17 8.26
N ALA A 733 21.92 -25.35 8.85
CA ALA A 733 21.00 -26.46 8.69
C ALA A 733 20.50 -26.87 10.07
N VAL A 734 19.23 -26.63 10.34
CA VAL A 734 18.64 -26.99 11.63
C VAL A 734 17.47 -27.93 11.40
N HIS A 735 17.17 -28.75 12.41
CA HIS A 735 16.10 -29.72 12.32
C HIS A 735 14.83 -29.14 12.90
N VAL A 736 13.76 -29.11 12.09
CA VAL A 736 12.48 -28.59 12.55
C VAL A 736 11.43 -29.68 12.40
N THR A 737 10.49 -29.69 13.34
CA THR A 737 9.51 -30.77 13.46
C THR A 737 8.21 -30.35 12.77
N VAL A 738 7.71 -31.21 11.90
CA VAL A 738 6.52 -30.91 11.10
C VAL A 738 5.28 -30.99 12.00
N PRO A 739 4.38 -30.00 11.96
CA PRO A 739 3.13 -30.11 12.72
C PRO A 739 2.21 -31.17 12.13
N ASP A 740 1.22 -31.56 12.93
CA ASP A 740 0.45 -32.77 12.69
C ASP A 740 -0.76 -32.53 11.79
N ALA A 741 -0.72 -31.51 10.94
CA ALA A 741 -1.78 -31.25 9.98
C ALA A 741 -1.34 -31.68 8.60
N ILE A 742 -2.17 -32.47 7.92
CA ILE A 742 -1.88 -32.92 6.56
C ILE A 742 -2.22 -31.77 5.63
N THR A 743 -1.20 -31.05 5.17
CA THR A 743 -1.35 -29.79 4.47
C THR A 743 -0.06 -29.48 3.73
N GLU A 744 0.06 -28.27 3.20
CA GLU A 744 1.29 -27.80 2.60
C GLU A 744 1.74 -26.55 3.34
N TRP A 745 3.02 -26.53 3.72
CA TRP A 745 3.61 -25.42 4.44
C TRP A 745 4.40 -24.58 3.45
N LYS A 746 3.93 -23.37 3.19
CA LYS A 746 4.69 -22.40 2.42
C LYS A 746 5.70 -21.74 3.33
N ALA A 747 6.98 -21.92 3.04
CA ALA A 747 8.05 -21.35 3.83
C ALA A 747 8.82 -20.33 3.00
N MET A 748 9.33 -19.33 3.69
CA MET A 748 9.98 -18.19 3.07
C MET A 748 10.95 -17.61 4.10
N SER A 749 11.96 -16.91 3.59
CA SER A 749 12.97 -16.34 4.47
C SER A 749 13.60 -15.15 3.80
N PHE A 750 13.95 -14.16 4.61
CA PHE A 750 14.75 -13.03 4.14
C PHE A 750 15.88 -12.78 5.12
N CYS A 751 17.07 -12.53 4.60
CA CYS A 751 18.23 -12.37 5.45
C CYS A 751 18.85 -11.00 5.22
N THR A 752 19.46 -10.48 6.29
CA THR A 752 20.03 -9.15 6.31
C THR A 752 21.48 -9.23 6.77
N SER A 753 22.40 -8.72 5.95
CA SER A 753 23.80 -8.57 6.31
C SER A 753 24.20 -7.14 6.06
N GLN A 754 25.08 -6.61 6.91
CA GLN A 754 25.50 -5.23 6.77
C GLN A 754 26.48 -5.06 5.61
N SER A 755 27.28 -6.08 5.31
CA SER A 755 28.25 -5.97 4.23
C SER A 755 27.59 -6.22 2.87
N ARG A 756 26.81 -7.29 2.76
CA ARG A 756 26.24 -7.67 1.48
C ARG A 756 24.87 -7.05 1.23
N GLY A 757 24.02 -6.98 2.25
CA GLY A 757 22.74 -6.30 2.15
C GLY A 757 21.58 -7.26 2.39
N PHE A 758 20.53 -7.08 1.61
CA PHE A 758 19.28 -7.82 1.77
C PHE A 758 19.21 -8.99 0.81
N GLY A 759 18.61 -10.07 1.25
CA GLY A 759 18.34 -11.20 0.38
C GLY A 759 16.99 -11.80 0.71
N LEU A 760 16.33 -12.32 -0.32
CA LEU A 760 14.98 -12.85 -0.20
C LEU A 760 14.90 -14.21 -0.88
N SER A 761 14.60 -15.24 -0.10
CA SER A 761 14.51 -16.58 -0.65
C SER A 761 13.20 -16.74 -1.43
N PRO A 762 13.19 -17.59 -2.46
CA PRO A 762 11.91 -17.96 -3.07
C PRO A 762 11.09 -18.82 -2.14
N THR A 763 9.78 -18.72 -2.28
CA THR A 763 8.85 -19.44 -1.41
C THR A 763 8.86 -20.92 -1.77
N VAL A 764 9.30 -21.75 -0.83
CA VAL A 764 9.33 -23.18 -1.04
C VAL A 764 8.15 -23.80 -0.29
N GLY A 765 7.90 -25.07 -0.55
CA GLY A 765 6.78 -25.76 0.06
C GLY A 765 7.17 -27.11 0.59
N LEU A 766 6.67 -27.42 1.78
CA LEU A 766 6.83 -28.74 2.38
C LEU A 766 5.45 -29.37 2.51
N THR A 767 5.26 -30.52 1.85
CA THR A 767 3.96 -31.19 1.87
C THR A 767 3.96 -32.18 3.02
N ALA A 768 3.21 -31.86 4.07
CA ALA A 768 2.96 -32.81 5.14
C ALA A 768 1.81 -33.70 4.70
N PHE A 769 2.09 -34.98 4.49
CA PHE A 769 1.11 -35.91 3.94
C PHE A 769 1.22 -37.24 4.64
N LYS A 770 0.07 -37.89 4.81
CA LYS A 770 -0.06 -39.21 5.38
C LYS A 770 -0.87 -40.06 4.41
N PRO A 771 -0.60 -41.39 4.33
CA PRO A 771 -1.38 -42.25 3.42
C PRO A 771 -2.89 -42.30 3.65
N PHE A 772 -3.36 -42.69 4.83
CA PHE A 772 -4.78 -42.59 5.11
C PHE A 772 -4.93 -41.81 6.41
N PHE A 773 -5.95 -40.96 6.48
CA PHE A 773 -6.11 -40.12 7.66
C PHE A 773 -7.56 -39.69 7.83
N VAL A 774 -7.78 -38.91 8.88
CA VAL A 774 -9.10 -38.47 9.32
C VAL A 774 -9.10 -36.95 9.21
N ASP A 775 -10.28 -36.37 8.98
CA ASP A 775 -10.41 -34.93 8.94
C ASP A 775 -11.79 -34.54 9.46
N LEU A 776 -11.84 -33.59 10.38
CA LEU A 776 -13.09 -33.12 10.92
C LEU A 776 -13.71 -32.04 10.04
N THR A 777 -15.03 -32.05 9.98
CA THR A 777 -15.82 -30.97 9.42
C THR A 777 -16.73 -30.48 10.53
N LEU A 778 -16.38 -29.31 11.08
CA LEU A 778 -16.92 -28.66 12.25
C LEU A 778 -16.80 -27.16 12.03
N PRO A 779 -17.77 -26.36 12.49
CA PRO A 779 -17.68 -24.91 12.34
C PRO A 779 -16.78 -24.32 13.42
N TYR A 780 -16.60 -23.00 13.35
CA TYR A 780 -15.79 -22.32 14.35
C TYR A 780 -16.52 -22.24 15.68
N SER A 781 -17.66 -21.58 15.70
CA SER A 781 -18.40 -21.33 16.93
C SER A 781 -19.72 -22.08 16.91
N VAL A 782 -20.03 -22.76 18.01
CA VAL A 782 -21.30 -23.46 18.20
C VAL A 782 -21.93 -22.89 19.47
N VAL A 783 -23.15 -22.38 19.37
CA VAL A 783 -23.80 -21.88 20.57
C VAL A 783 -24.31 -23.07 21.38
N ARG A 784 -24.30 -22.93 22.69
CA ARG A 784 -24.50 -24.05 23.59
C ARG A 784 -25.97 -24.48 23.62
N GLY A 785 -26.21 -25.77 23.43
CA GLY A 785 -27.54 -26.30 23.55
C GLY A 785 -28.27 -26.56 22.25
N GLU A 786 -27.65 -26.29 21.12
CA GLU A 786 -28.24 -26.69 19.84
C GLU A 786 -27.59 -27.99 19.38
N SER A 787 -28.11 -28.52 18.28
CA SER A 787 -27.51 -29.67 17.60
C SER A 787 -26.77 -29.17 16.38
N PHE A 788 -25.52 -29.60 16.22
CA PHE A 788 -24.73 -29.26 15.05
C PHE A 788 -24.24 -30.54 14.39
N ARG A 789 -24.04 -30.46 13.07
CA ARG A 789 -23.65 -31.62 12.27
C ARG A 789 -22.13 -31.71 12.23
N LEU A 790 -21.58 -32.71 12.88
CA LEU A 790 -20.17 -33.04 12.75
C LEU A 790 -20.04 -34.04 11.61
N THR A 791 -19.05 -33.83 10.74
CA THR A 791 -18.83 -34.76 9.62
C THR A 791 -17.36 -35.16 9.60
N ALA A 792 -17.07 -36.39 9.97
CA ALA A 792 -15.70 -36.89 9.96
C ALA A 792 -15.47 -37.61 8.64
N THR A 793 -14.59 -37.07 7.81
CA THR A 793 -14.24 -37.70 6.55
C THR A 793 -12.93 -38.46 6.68
N ILE A 794 -12.88 -39.64 6.10
CA ILE A 794 -11.72 -40.51 6.15
C ILE A 794 -11.20 -40.64 4.73
N PHE A 795 -9.94 -40.28 4.54
CA PHE A 795 -9.29 -40.33 3.24
C PHE A 795 -8.37 -41.54 3.19
N ASN A 796 -8.43 -42.27 2.08
CA ASN A 796 -7.51 -43.36 1.78
C ASN A 796 -6.83 -43.08 0.45
N TYR A 797 -5.50 -43.02 0.48
CA TYR A 797 -4.69 -42.78 -0.71
C TYR A 797 -3.70 -43.92 -0.96
N LEU A 798 -3.78 -45.00 -0.19
CA LEU A 798 -3.11 -46.23 -0.57
C LEU A 798 -3.76 -46.80 -1.82
N LYS A 799 -2.97 -47.53 -2.61
CA LYS A 799 -3.36 -47.93 -3.96
C LYS A 799 -4.15 -49.23 -4.00
N ASP A 800 -4.77 -49.63 -2.89
CA ASP A 800 -5.58 -50.85 -2.86
C ASP A 800 -6.65 -50.71 -1.79
N CYS A 801 -7.69 -51.54 -1.90
CA CYS A 801 -8.87 -51.38 -1.07
C CYS A 801 -8.64 -51.94 0.33
N ILE A 802 -9.09 -51.18 1.33
CA ILE A 802 -8.84 -51.46 2.74
C ILE A 802 -10.17 -51.49 3.49
N ARG A 803 -10.11 -51.91 4.74
CA ARG A 803 -11.24 -51.87 5.66
C ARG A 803 -10.84 -51.04 6.88
N VAL A 804 -11.60 -49.98 7.15
CA VAL A 804 -11.33 -49.11 8.29
C VAL A 804 -12.36 -49.38 9.37
N GLN A 805 -12.01 -49.00 10.59
CA GLN A 805 -12.92 -48.94 11.72
C GLN A 805 -12.66 -47.63 12.43
N THR A 806 -13.67 -46.76 12.47
CA THR A 806 -13.53 -45.49 13.16
C THR A 806 -14.27 -45.51 14.48
N ASP A 807 -13.77 -44.73 15.43
CA ASP A 807 -14.45 -44.52 16.69
C ASP A 807 -14.25 -43.09 17.19
N LEU A 808 -15.36 -42.48 17.61
CA LEU A 808 -15.38 -41.14 18.13
C LEU A 808 -15.39 -41.21 19.65
N ALA A 809 -14.49 -40.47 20.28
CA ALA A 809 -14.36 -40.53 21.74
C ALA A 809 -15.55 -39.86 22.41
N LYS A 810 -16.04 -40.50 23.47
CA LYS A 810 -17.20 -40.03 24.20
C LYS A 810 -16.75 -39.41 25.52
N SER A 811 -17.18 -38.19 25.78
CA SER A 811 -16.81 -37.47 26.99
C SER A 811 -18.00 -36.70 27.51
N HIS A 812 -17.82 -36.08 28.67
CA HIS A 812 -18.87 -35.28 29.29
C HIS A 812 -18.99 -33.89 28.68
N GLU A 813 -18.09 -33.51 27.77
CA GLU A 813 -18.13 -32.20 27.16
C GLU A 813 -19.25 -32.05 26.14
N TYR A 814 -19.81 -33.15 25.64
CA TYR A 814 -20.79 -33.09 24.58
C TYR A 814 -21.67 -34.33 24.64
N GLN A 815 -22.80 -34.28 23.94
CA GLN A 815 -23.72 -35.41 23.88
C GLN A 815 -24.04 -35.71 22.43
N LEU A 816 -24.41 -36.96 22.17
CA LEU A 816 -24.70 -37.43 20.82
C LEU A 816 -26.08 -38.09 20.81
N GLU A 817 -26.75 -38.00 19.66
CA GLU A 817 -28.12 -38.49 19.52
C GLU A 817 -28.17 -39.93 19.02
N SER A 818 -27.40 -40.80 19.68
CA SER A 818 -27.43 -42.27 19.52
C SER A 818 -27.13 -42.71 18.08
N TRP A 819 -26.12 -42.10 17.46
CA TRP A 819 -25.75 -42.43 16.09
C TRP A 819 -24.77 -43.60 16.13
N ALA A 820 -25.34 -44.81 16.20
CA ALA A 820 -24.65 -46.11 16.06
C ALA A 820 -23.56 -46.36 17.11
N ASP A 821 -23.66 -45.67 18.25
CA ASP A 821 -22.79 -45.82 19.43
C ASP A 821 -21.31 -45.57 19.13
N SER A 822 -21.05 -44.70 18.14
CA SER A 822 -19.71 -44.19 17.77
C SER A 822 -18.72 -45.29 17.40
N GLN A 823 -19.20 -46.30 16.65
CA GLN A 823 -18.34 -47.40 16.24
C GLN A 823 -18.88 -47.96 14.94
N THR A 824 -18.22 -47.62 13.82
CA THR A 824 -18.56 -48.17 12.52
C THR A 824 -17.31 -48.72 11.85
N SER A 825 -17.52 -49.74 11.01
CA SER A 825 -16.49 -50.34 10.19
C SER A 825 -16.96 -50.35 8.74
N SER A 826 -16.05 -50.06 7.82
CA SER A 826 -16.45 -49.90 6.43
C SER A 826 -15.29 -50.25 5.50
N CYS A 827 -15.62 -50.82 4.35
CA CYS A 827 -14.63 -51.15 3.34
C CYS A 827 -14.52 -49.98 2.36
N LEU A 828 -13.38 -49.29 2.41
CA LEU A 828 -13.12 -48.13 1.59
C LEU A 828 -11.99 -48.43 0.63
N CYS A 829 -12.18 -48.14 -0.65
CA CYS A 829 -11.21 -48.52 -1.66
C CYS A 829 -10.22 -47.39 -1.94
N ALA A 830 -9.41 -47.60 -2.98
CA ALA A 830 -8.24 -46.77 -3.24
C ALA A 830 -8.62 -45.41 -3.78
N ASP A 831 -7.86 -44.38 -3.34
CA ASP A 831 -8.03 -42.97 -3.73
C ASP A 831 -9.43 -42.45 -3.40
N ASP A 832 -9.97 -42.86 -2.25
CA ASP A 832 -11.37 -42.61 -1.94
C ASP A 832 -11.54 -42.05 -0.53
N ALA A 833 -12.56 -41.21 -0.38
CA ALA A 833 -12.93 -40.61 0.89
C ALA A 833 -14.35 -41.00 1.23
N LYS A 834 -14.59 -41.34 2.49
CA LYS A 834 -15.95 -41.60 2.94
C LYS A 834 -16.22 -40.81 4.21
N THR A 835 -17.45 -40.32 4.34
CA THR A 835 -17.81 -39.38 5.40
C THR A 835 -18.83 -40.02 6.33
N HIS A 836 -18.51 -40.02 7.62
CA HIS A 836 -19.47 -40.39 8.65
C HIS A 836 -20.06 -39.12 9.24
N HIS A 837 -21.34 -39.18 9.59
CA HIS A 837 -22.05 -38.02 10.12
C HIS A 837 -22.48 -38.29 11.55
N TRP A 838 -22.45 -37.24 12.37
CA TRP A 838 -23.06 -37.24 13.68
C TRP A 838 -23.74 -35.89 13.88
N ASN A 839 -24.70 -35.86 14.79
CA ASN A 839 -25.27 -34.60 15.26
C ASN A 839 -25.15 -34.51 16.77
N ILE A 840 -24.50 -33.43 17.22
CA ILE A 840 -23.89 -33.33 18.54
C ILE A 840 -24.51 -32.13 19.25
N THR A 841 -24.78 -32.28 20.54
CA THR A 841 -25.18 -31.17 21.39
C THR A 841 -23.99 -30.78 22.28
N ALA A 842 -23.66 -29.49 22.28
CA ALA A 842 -22.61 -28.97 23.14
C ALA A 842 -23.20 -28.58 24.49
N VAL A 843 -22.52 -28.96 25.57
CA VAL A 843 -23.05 -28.76 26.91
C VAL A 843 -22.10 -27.96 27.81
N LYS A 844 -20.80 -27.94 27.53
CA LYS A 844 -19.85 -27.22 28.38
C LYS A 844 -19.22 -26.08 27.57
N LEU A 845 -19.11 -24.92 28.20
CA LEU A 845 -18.72 -23.71 27.51
C LEU A 845 -17.21 -23.67 27.30
N GLY A 846 -16.78 -22.89 26.32
CA GLY A 846 -15.37 -22.72 26.03
C GLY A 846 -14.88 -23.62 24.93
N HIS A 847 -13.56 -23.75 24.83
CA HIS A 847 -12.98 -24.65 23.85
C HIS A 847 -13.08 -26.08 24.36
N ILE A 848 -13.74 -26.93 23.59
CA ILE A 848 -13.89 -28.34 23.91
C ILE A 848 -13.14 -29.15 22.87
N ASN A 849 -12.80 -30.38 23.22
CA ASN A 849 -12.08 -31.26 22.33
C ASN A 849 -13.02 -32.23 21.62
N PHE A 850 -12.60 -32.68 20.44
CA PHE A 850 -13.23 -33.76 19.70
C PHE A 850 -12.15 -34.70 19.22
N THR A 851 -12.17 -35.92 19.72
CA THR A 851 -11.15 -36.92 19.40
C THR A 851 -11.79 -38.05 18.62
N ILE A 852 -11.21 -38.38 17.47
CA ILE A 852 -11.69 -39.51 16.68
C ILE A 852 -10.48 -40.26 16.11
N SER A 853 -10.56 -41.59 16.12
CA SER A 853 -9.45 -42.41 15.64
C SER A 853 -9.94 -43.44 14.64
N THR A 854 -9.04 -43.82 13.74
CA THR A 854 -9.28 -44.87 12.76
C THR A 854 -8.18 -45.92 12.85
N LYS A 855 -8.61 -47.18 12.81
CA LYS A 855 -7.71 -48.33 12.76
C LYS A 855 -8.09 -49.23 11.59
N ILE A 856 -7.11 -49.70 10.85
CA ILE A 856 -7.38 -50.73 9.85
C ILE A 856 -7.38 -52.08 10.55
N LEU A 857 -8.53 -52.74 10.56
CA LEU A 857 -8.66 -54.05 11.17
C LEU A 857 -8.52 -55.13 10.11
N ASP A 858 -8.22 -56.34 10.57
CA ASP A 858 -8.09 -57.47 9.67
C ASP A 858 -9.46 -57.91 9.17
N SER A 859 -9.53 -58.23 7.89
CA SER A 859 -10.79 -58.60 7.25
C SER A 859 -10.98 -60.11 7.34
N ASN A 860 -12.07 -60.53 7.99
CA ASN A 860 -12.42 -61.94 8.02
C ASN A 860 -12.91 -62.41 6.66
N GLU A 861 -13.51 -61.52 5.88
CA GLU A 861 -13.99 -61.81 4.54
C GLU A 861 -13.47 -60.77 3.55
N PRO A 862 -13.16 -61.17 2.32
CA PRO A 862 -12.66 -60.22 1.33
C PRO A 862 -13.77 -59.31 0.83
N CYS A 863 -13.58 -58.00 0.99
CA CYS A 863 -14.54 -57.00 0.52
C CYS A 863 -14.07 -56.47 -0.84
N GLY A 864 -15.01 -56.41 -1.79
CA GLY A 864 -14.69 -55.99 -3.14
C GLY A 864 -14.09 -57.05 -4.02
N GLY A 865 -13.94 -58.29 -3.52
CA GLY A 865 -13.31 -59.35 -4.26
C GLY A 865 -11.87 -59.63 -3.88
N GLN A 866 -11.28 -58.81 -3.01
CA GLN A 866 -9.91 -59.02 -2.54
C GLN A 866 -9.85 -58.74 -1.05
N LYS A 867 -8.85 -59.33 -0.39
CA LYS A 867 -8.70 -59.20 1.05
C LYS A 867 -8.21 -57.79 1.38
N GLY A 868 -8.73 -57.25 2.48
CA GLY A 868 -8.38 -55.92 2.96
C GLY A 868 -6.92 -55.73 3.30
N PHE A 869 -6.33 -54.66 2.75
CA PHE A 869 -4.90 -54.44 2.85
C PHE A 869 -4.54 -53.81 4.19
N VAL A 870 -3.47 -54.29 4.81
CA VAL A 870 -2.92 -53.71 6.02
C VAL A 870 -1.52 -53.18 5.71
N PRO A 871 -1.19 -51.97 6.12
CA PRO A 871 0.17 -51.46 5.91
C PRO A 871 1.11 -51.93 7.02
N GLN A 872 2.38 -51.55 6.89
CA GLN A 872 3.38 -51.84 7.91
C GLN A 872 3.61 -50.68 8.86
N LYS A 873 3.37 -49.45 8.42
CA LYS A 873 3.58 -48.27 9.24
C LYS A 873 2.33 -47.40 9.21
N GLY A 874 2.03 -46.78 10.36
CA GLY A 874 0.92 -45.85 10.47
C GLY A 874 -0.45 -46.44 10.28
N ARG A 875 -0.73 -47.57 10.92
CA ARG A 875 -2.01 -48.25 10.76
C ARG A 875 -3.15 -47.60 11.53
N SER A 876 -2.87 -46.61 12.39
CA SER A 876 -3.90 -45.91 13.13
C SER A 876 -3.66 -44.42 13.05
N ASP A 877 -4.76 -43.66 13.05
CA ASP A 877 -4.69 -42.20 13.05
C ASP A 877 -5.68 -41.65 14.06
N THR A 878 -5.19 -40.80 14.97
CA THR A 878 -6.01 -40.20 16.01
C THR A 878 -5.93 -38.67 15.86
N LEU A 879 -7.09 -38.03 15.79
CA LEU A 879 -7.15 -36.60 15.53
C LEU A 879 -7.98 -35.92 16.60
N ILE A 880 -7.44 -34.83 17.16
CA ILE A 880 -8.06 -34.05 18.23
C ILE A 880 -8.24 -32.63 17.73
N LYS A 881 -9.48 -32.15 17.71
CA LYS A 881 -9.80 -30.86 17.15
C LYS A 881 -10.65 -30.06 18.13
N PRO A 882 -10.35 -28.79 18.36
CA PRO A 882 -11.15 -28.00 19.31
C PRO A 882 -12.29 -27.24 18.66
N VAL A 883 -13.32 -27.00 19.46
CA VAL A 883 -14.51 -26.26 19.07
C VAL A 883 -14.78 -25.21 20.13
N LEU A 884 -14.90 -23.94 19.71
CA LEU A 884 -15.30 -22.87 20.62
C LEU A 884 -16.81 -22.89 20.83
N VAL A 885 -17.22 -22.93 22.09
CA VAL A 885 -18.63 -22.96 22.48
C VAL A 885 -18.94 -21.70 23.25
N LYS A 886 -19.89 -20.89 22.74
CA LYS A 886 -20.45 -19.62 23.17
C LYS A 886 -21.84 -19.84 23.78
N PRO A 887 -22.25 -19.01 24.75
CA PRO A 887 -23.55 -19.24 25.40
C PRO A 887 -24.73 -18.88 24.50
N GLU A 888 -25.85 -19.55 24.76
CA GLU A 888 -27.04 -19.39 23.95
C GLU A 888 -27.79 -18.11 24.33
N GLY A 889 -28.70 -17.72 23.45
CA GLY A 889 -29.52 -16.54 23.66
C GLY A 889 -28.95 -15.31 22.98
N VAL A 890 -29.79 -14.29 22.87
CA VAL A 890 -29.40 -13.04 22.26
C VAL A 890 -28.50 -12.26 23.20
N LEU A 891 -27.41 -11.71 22.65
CA LEU A 891 -26.45 -10.96 23.43
C LEU A 891 -26.94 -9.53 23.59
N VAL A 892 -27.08 -9.09 24.84
CA VAL A 892 -27.34 -7.70 25.14
C VAL A 892 -26.14 -7.14 25.89
N GLU A 893 -25.93 -5.84 25.74
CA GLU A 893 -24.82 -5.16 26.37
C GLU A 893 -25.31 -3.88 27.04
N LYS A 894 -24.83 -3.67 28.25
CA LYS A 894 -25.06 -2.44 29.00
C LYS A 894 -23.73 -1.71 29.09
N THR A 895 -23.69 -0.51 28.52
CA THR A 895 -22.50 0.32 28.52
C THR A 895 -22.70 1.52 29.42
N HIS A 896 -21.64 1.88 30.14
CA HIS A 896 -21.72 3.00 31.08
C HIS A 896 -20.45 3.82 30.96
N SER A 897 -20.61 5.14 30.84
CA SER A 897 -19.50 6.04 30.60
C SER A 897 -19.28 6.93 31.82
N SER A 898 -18.02 7.33 32.02
CA SER A 898 -17.68 8.29 33.05
C SER A 898 -16.42 9.04 32.64
N LEU A 899 -16.35 10.30 33.02
CA LEU A 899 -15.16 11.11 32.81
C LEU A 899 -14.64 11.48 34.20
N LEU A 900 -13.63 10.78 34.67
CA LEU A 900 -13.02 11.07 35.96
C LEU A 900 -11.93 12.09 35.75
N CYS A 901 -12.17 13.33 36.16
CA CYS A 901 -11.19 14.40 35.97
C CYS A 901 -10.88 15.04 37.31
N PRO A 902 -9.89 14.52 38.04
CA PRO A 902 -9.35 15.28 39.17
C PRO A 902 -8.55 16.48 38.69
N LYS A 903 -8.52 17.51 39.53
CA LYS A 903 -7.79 18.74 39.23
C LYS A 903 -6.85 19.10 40.37
N GLY A 904 -6.20 18.09 40.93
CA GLY A 904 -5.44 18.24 42.16
C GLY A 904 -6.08 17.59 43.36
N LYS A 905 -7.17 16.86 43.17
CA LYS A 905 -7.92 16.17 44.22
C LYS A 905 -8.02 14.70 43.85
N VAL A 906 -8.89 13.98 44.55
CA VAL A 906 -9.24 12.60 44.20
C VAL A 906 -10.69 12.59 43.76
N ALA A 907 -10.93 12.18 42.51
CA ALA A 907 -12.27 12.16 41.95
C ALA A 907 -12.79 10.73 41.94
N SER A 908 -13.97 10.52 42.52
CA SER A 908 -14.53 9.20 42.70
C SER A 908 -15.95 9.13 42.16
N GLU A 909 -16.33 7.94 41.73
CA GLU A 909 -17.66 7.70 41.15
C GLU A 909 -18.01 6.23 41.29
N SER A 910 -19.23 5.95 41.73
CA SER A 910 -19.70 4.58 41.91
C SER A 910 -20.48 4.13 40.68
N VAL A 911 -20.21 2.90 40.23
CA VAL A 911 -20.87 2.29 39.09
C VAL A 911 -21.45 0.96 39.56
N SER A 912 -22.76 0.79 39.37
CA SER A 912 -23.44 -0.44 39.74
C SER A 912 -23.65 -1.31 38.50
N LEU A 913 -23.31 -2.58 38.62
CA LEU A 913 -23.59 -3.56 37.58
C LEU A 913 -24.78 -4.40 38.03
N GLU A 914 -25.91 -4.23 37.36
CA GLU A 914 -27.13 -4.94 37.70
C GLU A 914 -27.61 -5.69 36.47
N LEU A 915 -28.40 -6.74 36.71
CA LEU A 915 -28.81 -7.64 35.64
C LEU A 915 -30.09 -8.33 36.06
N PRO A 916 -30.98 -8.65 35.13
CA PRO A 916 -32.15 -9.48 35.46
C PRO A 916 -31.73 -10.92 35.75
N VAL A 917 -32.64 -11.65 36.39
CA VAL A 917 -32.32 -12.97 36.89
C VAL A 917 -32.80 -14.08 35.96
N ASP A 918 -33.12 -13.75 34.70
CA ASP A 918 -33.51 -14.75 33.70
C ASP A 918 -32.38 -15.06 32.73
N ILE A 919 -31.13 -14.91 33.16
CA ILE A 919 -30.00 -15.10 32.27
C ILE A 919 -29.67 -16.58 32.14
N VAL A 920 -28.99 -16.91 31.05
CA VAL A 920 -28.31 -18.19 30.89
C VAL A 920 -27.04 -18.10 31.76
N PRO A 921 -26.66 -19.15 32.48
CA PRO A 921 -25.46 -19.06 33.32
C PRO A 921 -24.18 -19.02 32.50
N ASP A 922 -23.13 -18.50 33.15
CA ASP A 922 -21.78 -18.32 32.61
C ASP A 922 -21.78 -17.44 31.36
N SER A 923 -22.65 -16.44 31.34
CA SER A 923 -22.74 -15.52 30.22
C SER A 923 -22.29 -14.11 30.56
N THR A 924 -22.10 -13.80 31.84
CA THR A 924 -21.84 -12.44 32.26
C THR A 924 -20.36 -12.14 32.10
N LYS A 925 -20.02 -11.32 31.11
CA LYS A 925 -18.68 -10.78 31.00
C LYS A 925 -18.76 -9.28 31.22
N ALA A 926 -17.78 -8.74 31.94
CA ALA A 926 -17.78 -7.32 32.23
C ALA A 926 -16.35 -6.84 32.27
N TYR A 927 -16.08 -5.73 31.62
CA TYR A 927 -14.73 -5.18 31.66
C TYR A 927 -14.79 -3.66 31.74
N VAL A 928 -13.85 -3.10 32.50
CA VAL A 928 -13.66 -1.68 32.57
C VAL A 928 -12.57 -1.29 31.59
N THR A 929 -12.60 -0.03 31.19
CA THR A 929 -11.68 0.51 30.22
C THR A 929 -11.27 1.90 30.68
N VAL A 930 -9.98 2.15 30.79
CA VAL A 930 -9.45 3.48 31.03
C VAL A 930 -8.71 3.94 29.78
N LEU A 931 -8.96 5.19 29.41
CA LEU A 931 -8.33 5.80 28.25
C LEU A 931 -7.95 7.22 28.63
N GLY A 932 -6.67 7.57 28.49
CA GLY A 932 -6.22 8.86 28.96
C GLY A 932 -6.45 10.00 28.01
N ASP A 933 -6.57 9.73 26.71
CA ASP A 933 -6.72 10.80 25.73
C ASP A 933 -7.88 10.50 24.80
N ILE A 934 -8.68 11.54 24.56
CA ILE A 934 -9.62 11.56 23.44
C ILE A 934 -8.86 11.41 22.13
N MET A 935 -9.36 10.51 21.27
CA MET A 935 -9.12 10.24 19.84
C MET A 935 -7.72 9.66 19.59
N GLY A 936 -7.60 8.88 18.52
CA GLY A 936 -6.48 7.97 18.39
C GLY A 936 -5.33 8.49 17.57
N THR A 937 -5.21 8.00 16.34
CA THR A 937 -4.05 8.30 15.51
C THR A 937 -4.14 9.67 14.85
N ALA A 938 -5.35 10.13 14.52
CA ALA A 938 -5.58 11.21 13.56
C ALA A 938 -5.18 12.60 14.05
N LEU A 939 -4.59 12.76 15.24
CA LEU A 939 -4.00 14.05 15.59
C LEU A 939 -2.72 14.28 14.81
N GLN A 940 -2.04 13.19 14.44
CA GLN A 940 -0.90 13.24 13.55
C GLN A 940 -1.33 13.43 12.10
N ASN A 941 -2.58 13.08 11.77
CA ASN A 941 -3.14 13.40 10.47
C ASN A 941 -3.48 14.87 10.34
N LEU A 942 -3.64 15.58 11.47
CA LEU A 942 -3.81 17.02 11.44
C LEU A 942 -2.53 17.73 11.00
N ASP A 943 -1.37 17.11 11.24
CA ASP A 943 -0.12 17.62 10.70
C ASP A 943 -0.06 17.45 9.19
N GLY A 944 -0.72 16.42 8.65
CA GLY A 944 -0.77 16.23 7.21
C GLY A 944 -1.76 17.10 6.48
N LEU A 945 -2.63 17.80 7.20
CA LEU A 945 -3.61 18.67 6.56
C LEU A 945 -2.99 19.97 6.06
N VAL A 946 -1.80 20.34 6.53
CA VAL A 946 -1.24 21.63 6.16
C VAL A 946 -0.55 21.60 4.80
N GLN A 947 -0.12 20.44 4.32
CA GLN A 947 0.72 20.37 3.12
C GLN A 947 -0.14 20.46 1.85
N MET A 948 0.52 20.32 0.70
CA MET A 948 0.04 20.47 -0.68
C MET A 948 -0.59 21.87 -0.81
N PRO A 949 0.23 22.92 -0.99
CA PRO A 949 -0.33 24.27 -1.11
C PRO A 949 -1.13 24.45 -2.39
N SER A 950 -2.15 25.30 -2.30
CA SER A 950 -3.07 25.52 -3.41
C SER A 950 -3.36 27.00 -3.55
N GLY A 951 -3.45 27.46 -4.80
CA GLY A 951 -3.72 28.87 -5.06
C GLY A 951 -4.57 29.13 -6.29
N CYS A 952 -5.25 28.12 -6.79
CA CYS A 952 -6.06 28.24 -7.99
C CYS A 952 -7.46 27.69 -7.72
N GLY A 953 -8.47 28.45 -8.15
CA GLY A 953 -9.85 28.04 -7.99
C GLY A 953 -10.31 28.07 -6.55
N GLU A 954 -11.23 27.16 -6.21
CA GLU A 954 -11.71 26.99 -4.85
C GLU A 954 -10.84 26.03 -4.03
N GLN A 955 -9.68 25.63 -4.56
CA GLN A 955 -8.80 24.73 -3.81
C GLN A 955 -8.12 25.42 -2.64
N ASN A 956 -8.02 26.76 -2.66
CA ASN A 956 -7.37 27.47 -1.57
C ASN A 956 -8.32 27.74 -0.41
N MET A 957 -9.58 28.09 -0.71
CA MET A 957 -10.52 28.44 0.34
C MET A 957 -11.01 27.25 1.14
N VAL A 958 -10.96 26.04 0.55
CA VAL A 958 -11.30 24.83 1.30
C VAL A 958 -10.15 24.32 2.14
N LEU A 959 -8.96 24.91 1.99
CA LEU A 959 -7.77 24.43 2.69
C LEU A 959 -7.14 25.48 3.60
N PHE A 960 -7.35 26.77 3.33
CA PHE A 960 -6.90 27.82 4.23
C PHE A 960 -7.68 27.79 5.54
N ALA A 961 -8.97 27.46 5.47
CA ALA A 961 -9.83 27.44 6.66
C ALA A 961 -9.49 26.40 7.73
N PRO A 962 -9.16 25.11 7.46
CA PRO A 962 -8.93 24.19 8.61
C PRO A 962 -7.66 24.45 9.40
N ILE A 963 -6.73 25.27 8.90
CA ILE A 963 -5.40 25.39 9.51
C ILE A 963 -5.48 26.11 10.85
N ILE A 964 -6.23 27.22 10.89
CA ILE A 964 -6.37 28.00 12.11
C ILE A 964 -7.16 27.22 13.18
N TYR A 965 -8.10 26.38 12.76
CA TYR A 965 -8.83 25.56 13.74
C TYR A 965 -8.02 24.37 14.22
N VAL A 966 -7.14 23.82 13.36
CA VAL A 966 -6.23 22.76 13.78
C VAL A 966 -5.24 23.28 14.83
N LEU A 967 -4.64 24.45 14.57
CA LEU A 967 -3.74 25.03 15.58
C LEU A 967 -4.50 25.58 16.79
N GLN A 968 -5.77 25.95 16.65
CA GLN A 968 -6.57 26.34 17.80
C GLN A 968 -6.84 25.13 18.69
N TYR A 969 -7.08 23.97 18.08
CA TYR A 969 -7.24 22.75 18.87
C TYR A 969 -5.92 22.29 19.48
N LEU A 970 -4.82 22.48 18.75
CA LEU A 970 -3.53 21.97 19.21
C LEU A 970 -2.95 22.82 20.34
N GLU A 971 -3.10 24.15 20.28
CA GLU A 971 -2.58 24.98 21.36
C GLU A 971 -3.42 24.91 22.62
N LYS A 972 -4.68 24.46 22.51
CA LYS A 972 -5.53 24.27 23.68
C LYS A 972 -5.48 22.84 24.19
N ALA A 973 -4.72 21.97 23.53
CA ALA A 973 -4.46 20.63 24.02
C ALA A 973 -3.02 20.41 24.43
N GLY A 974 -2.13 21.37 24.16
CA GLY A 974 -0.74 21.25 24.55
C GLY A 974 0.13 20.42 23.64
N LEU A 975 -0.34 20.09 22.43
CA LEU A 975 0.42 19.28 21.50
C LEU A 975 1.03 20.10 20.37
N LEU A 976 1.11 21.42 20.52
CA LEU A 976 1.66 22.28 19.48
C LEU A 976 3.16 22.45 19.68
N THR A 977 3.93 22.17 18.64
CA THR A 977 5.37 22.39 18.63
C THR A 977 5.70 23.57 17.71
N GLU A 978 6.91 24.09 17.86
CA GLU A 978 7.30 25.31 17.17
C GLU A 978 7.56 25.09 15.69
N GLU A 979 7.97 23.89 15.30
CA GLU A 979 8.28 23.62 13.89
C GLU A 979 7.03 23.60 13.03
N ILE A 980 5.98 22.90 13.50
CA ILE A 980 4.72 22.86 12.77
C ILE A 980 4.01 24.21 12.87
N ARG A 981 4.25 24.96 13.96
CA ARG A 981 3.71 26.32 14.08
C ARG A 981 4.33 27.25 13.05
N SER A 982 5.66 27.19 12.88
CA SER A 982 6.34 28.04 11.91
C SER A 982 6.00 27.65 10.47
N ARG A 983 5.90 26.35 10.20
CA ARG A 983 5.53 25.89 8.87
C ARG A 983 4.08 26.25 8.56
N ALA A 984 3.22 26.18 9.58
CA ALA A 984 1.81 26.52 9.42
C ALA A 984 1.61 28.01 9.20
N VAL A 985 2.35 28.87 9.91
CA VAL A 985 2.20 30.29 9.67
C VAL A 985 2.88 30.72 8.37
N GLY A 986 3.88 29.98 7.88
CA GLY A 986 4.36 30.21 6.53
C GLY A 986 3.31 29.85 5.48
N PHE A 987 2.58 28.76 5.71
CA PHE A 987 1.43 28.43 4.87
C PHE A 987 0.31 29.46 4.98
N LEU A 988 0.11 30.04 6.17
CA LEU A 988 -0.87 31.11 6.35
C LEU A 988 -0.46 32.38 5.62
N GLU A 989 0.85 32.68 5.56
CA GLU A 989 1.31 33.81 4.76
C GLU A 989 1.15 33.56 3.27
N ILE A 990 1.51 32.37 2.79
CA ILE A 990 1.41 32.12 1.34
C ILE A 990 -0.01 31.84 0.88
N GLY A 991 -0.94 31.58 1.81
CA GLY A 991 -2.34 31.48 1.45
C GLY A 991 -3.07 32.79 1.65
N TYR A 992 -2.56 33.61 2.59
CA TYR A 992 -3.19 34.90 2.88
C TYR A 992 -3.01 35.88 1.74
N GLN A 993 -1.85 35.85 1.08
CA GLN A 993 -1.59 36.71 -0.07
C GLN A 993 -2.31 36.22 -1.33
N LYS A 994 -2.82 34.99 -1.33
CA LYS A 994 -3.54 34.44 -2.46
C LYS A 994 -5.05 34.55 -2.30
N GLU A 995 -5.52 35.32 -1.32
CA GLU A 995 -6.94 35.59 -1.14
C GLU A 995 -7.32 37.00 -1.56
N LEU A 996 -6.39 37.76 -2.14
CA LEU A 996 -6.62 39.16 -2.45
C LEU A 996 -7.06 39.39 -3.88
N MET A 997 -6.61 38.55 -4.82
CA MET A 997 -7.10 38.65 -6.20
C MET A 997 -8.45 37.98 -6.39
N TYR A 998 -8.91 37.21 -5.42
CA TYR A 998 -10.26 36.66 -5.42
C TYR A 998 -11.28 37.60 -4.81
N LYS A 999 -10.84 38.77 -4.34
CA LYS A 999 -11.74 39.74 -3.74
C LYS A 999 -12.61 40.38 -4.82
N HIS A 1000 -13.91 40.46 -4.55
CA HIS A 1000 -14.85 41.02 -5.52
C HIS A 1000 -14.69 42.54 -5.58
N SER A 1001 -15.07 43.11 -6.72
CA SER A 1001 -14.99 44.55 -6.94
C SER A 1001 -16.02 45.34 -6.13
N ASN A 1002 -17.04 44.68 -5.58
CA ASN A 1002 -18.04 45.32 -4.74
C ASN A 1002 -17.65 45.32 -3.26
N GLY A 1003 -16.38 45.12 -2.94
CA GLY A 1003 -15.96 44.97 -1.56
C GLY A 1003 -16.44 43.69 -0.92
N SER A 1004 -16.46 42.60 -1.66
CA SER A 1004 -16.91 41.29 -1.18
C SER A 1004 -15.90 40.26 -1.66
N TYR A 1005 -16.25 38.99 -1.54
CA TYR A 1005 -15.38 37.91 -1.95
C TYR A 1005 -16.04 37.05 -3.02
N SER A 1006 -15.24 36.53 -3.97
CA SER A 1006 -15.81 35.73 -5.10
C SER A 1006 -14.90 34.53 -5.43
N ALA A 1007 -15.49 33.39 -5.79
CA ALA A 1007 -14.69 32.20 -6.16
C ALA A 1007 -13.87 32.48 -7.42
N PHE A 1008 -14.50 33.06 -8.46
CA PHE A 1008 -13.77 33.43 -9.69
C PHE A 1008 -12.80 34.57 -9.38
N GLY A 1009 -13.24 35.51 -8.55
CA GLY A 1009 -12.38 36.65 -8.17
C GLY A 1009 -13.11 37.98 -8.31
N GLU A 1010 -13.26 38.49 -9.54
CA GLU A 1010 -14.01 39.74 -9.76
C GLU A 1010 -15.33 39.45 -10.49
N ARG A 1011 -15.62 38.17 -10.78
CA ARG A 1011 -16.83 37.83 -11.55
C ARG A 1011 -17.71 36.84 -10.77
N ASP A 1012 -18.99 37.16 -10.58
CA ASP A 1012 -19.96 36.26 -9.89
C ASP A 1012 -21.26 37.02 -9.67
N GLY A 1013 -21.32 38.27 -10.13
CA GLY A 1013 -22.50 39.09 -9.85
C GLY A 1013 -22.29 39.86 -8.58
N ASN A 1014 -23.27 39.79 -7.67
CA ASN A 1014 -23.09 40.36 -6.34
C ASN A 1014 -22.30 39.38 -5.46
N GLY A 1015 -21.99 39.84 -4.26
CA GLY A 1015 -21.19 39.03 -3.34
C GLY A 1015 -22.00 37.86 -2.79
N ASN A 1016 -21.39 36.68 -2.79
CA ASN A 1016 -22.02 35.49 -2.23
C ASN A 1016 -22.11 35.61 -0.72
N THR A 1017 -23.32 35.41 -0.18
CA THR A 1017 -23.55 35.57 1.25
C THR A 1017 -22.85 34.49 2.05
N TRP A 1018 -22.87 33.24 1.54
CA TRP A 1018 -22.21 32.14 2.22
C TRP A 1018 -20.69 32.30 2.21
N LEU A 1019 -20.14 32.74 1.08
CA LEU A 1019 -18.68 32.85 0.97
C LEU A 1019 -18.14 34.05 1.73
N THR A 1020 -18.85 35.17 1.72
CA THR A 1020 -18.42 36.31 2.53
C THR A 1020 -18.63 36.06 4.02
N ALA A 1021 -19.69 35.32 4.40
CA ALA A 1021 -19.85 34.89 5.78
C ALA A 1021 -18.74 33.94 6.19
N PHE A 1022 -18.34 33.05 5.27
CA PHE A 1022 -17.28 32.08 5.51
C PHE A 1022 -15.92 32.76 5.68
N VAL A 1023 -15.63 33.78 4.87
CA VAL A 1023 -14.35 34.45 5.05
C VAL A 1023 -14.36 35.45 6.20
N THR A 1024 -15.53 35.96 6.63
CA THR A 1024 -15.53 36.70 7.89
C THR A 1024 -15.38 35.76 9.08
N LYS A 1025 -15.80 34.51 8.93
CA LYS A 1025 -15.49 33.50 9.95
C LYS A 1025 -14.01 33.16 9.97
N CYS A 1026 -13.38 33.03 8.79
CA CYS A 1026 -11.96 32.65 8.73
C CYS A 1026 -11.04 33.77 9.18
N PHE A 1027 -11.21 34.98 8.63
CA PHE A 1027 -10.33 36.07 9.02
C PHE A 1027 -10.70 36.69 10.36
N GLY A 1028 -11.83 36.31 10.95
CA GLY A 1028 -12.12 36.70 12.33
C GLY A 1028 -11.36 35.90 13.37
N GLN A 1029 -10.77 34.76 12.97
CA GLN A 1029 -9.97 33.95 13.87
C GLN A 1029 -8.51 33.86 13.44
N ALA A 1030 -8.15 34.42 12.29
CA ALA A 1030 -6.80 34.28 11.74
C ALA A 1030 -5.85 35.39 12.17
N GLN A 1031 -6.33 36.39 12.90
CA GLN A 1031 -5.46 37.49 13.33
C GLN A 1031 -4.65 37.14 14.56
N LYS A 1032 -4.93 36.03 15.23
CA LYS A 1032 -4.16 35.61 16.39
C LYS A 1032 -2.92 34.81 16.00
N PHE A 1033 -2.72 34.53 14.72
CA PHE A 1033 -1.54 33.84 14.22
C PHE A 1033 -0.71 34.71 13.29
N ILE A 1034 -1.33 35.27 12.26
CA ILE A 1034 -0.64 36.09 11.27
C ILE A 1034 -1.35 37.45 11.20
N PHE A 1035 -0.67 38.41 10.58
CA PHE A 1035 -1.22 39.75 10.44
C PHE A 1035 -2.29 39.78 9.36
N ILE A 1036 -3.47 40.28 9.72
CA ILE A 1036 -4.60 40.44 8.81
C ILE A 1036 -4.91 41.93 8.73
N ASP A 1037 -5.13 42.43 7.52
CA ASP A 1037 -5.57 43.79 7.33
C ASP A 1037 -6.98 43.98 7.89
N PRO A 1038 -7.29 45.16 8.44
CA PRO A 1038 -8.63 45.34 9.03
C PRO A 1038 -9.75 45.49 8.02
N LYS A 1039 -9.51 46.20 6.90
CA LYS A 1039 -10.55 46.86 6.12
C LYS A 1039 -11.53 45.89 5.44
N ASN A 1040 -11.09 44.66 5.19
CA ASN A 1040 -11.96 43.63 4.63
C ASN A 1040 -13.09 43.27 5.59
N ILE A 1041 -12.82 43.28 6.89
CA ILE A 1041 -13.85 42.99 7.89
C ILE A 1041 -14.92 44.08 7.91
N GLN A 1042 -14.52 45.35 7.86
CA GLN A 1042 -15.52 46.42 7.93
C GLN A 1042 -16.30 46.57 6.63
N ASP A 1043 -15.66 46.42 5.45
CA ASP A 1043 -16.48 46.56 4.25
C ASP A 1043 -17.32 45.31 3.98
N ALA A 1044 -16.87 44.14 4.46
CA ALA A 1044 -17.74 42.96 4.43
C ALA A 1044 -18.91 43.11 5.40
N LEU A 1045 -18.67 43.76 6.56
CA LEU A 1045 -19.76 44.04 7.50
C LEU A 1045 -20.77 45.01 6.91
N LYS A 1046 -20.29 46.04 6.20
CA LYS A 1046 -21.19 46.97 5.54
C LYS A 1046 -21.94 46.32 4.38
N TRP A 1047 -21.35 45.31 3.74
CA TRP A 1047 -22.10 44.60 2.72
C TRP A 1047 -23.08 43.56 3.29
N MET A 1048 -22.82 43.04 4.49
CA MET A 1048 -23.90 42.34 5.21
C MET A 1048 -25.02 43.30 5.58
N ALA A 1049 -24.67 44.53 5.96
CA ALA A 1049 -25.69 45.53 6.29
C ALA A 1049 -26.48 45.96 5.05
N GLY A 1050 -25.85 45.98 3.88
CA GLY A 1050 -26.52 46.38 2.66
C GLY A 1050 -27.28 45.25 1.97
N ASN A 1051 -26.83 44.02 2.14
CA ASN A 1051 -27.42 42.87 1.47
C ASN A 1051 -28.48 42.18 2.31
N GLN A 1052 -28.75 42.65 3.52
CA GLN A 1052 -29.77 42.08 4.38
C GLN A 1052 -30.77 43.16 4.78
N LEU A 1053 -32.03 42.76 4.90
CA LEU A 1053 -33.11 43.63 5.33
C LEU A 1053 -33.85 42.96 6.48
N PRO A 1054 -34.49 43.73 7.36
CA PRO A 1054 -35.42 43.12 8.33
C PRO A 1054 -36.61 42.43 7.67
N SER A 1055 -37.08 42.96 6.55
CA SER A 1055 -38.08 42.25 5.76
C SER A 1055 -37.48 41.05 5.03
N GLY A 1056 -36.33 41.24 4.39
CA GLY A 1056 -35.72 40.17 3.63
C GLY A 1056 -34.28 39.88 3.97
N CYS A 1057 -34.02 38.71 4.55
CA CYS A 1057 -32.68 38.23 4.84
C CYS A 1057 -32.21 37.30 3.72
N TYR A 1058 -31.13 36.56 3.99
CA TYR A 1058 -30.46 35.60 3.11
C TYR A 1058 -30.06 36.20 1.75
N ALA A 1059 -30.85 35.99 0.69
CA ALA A 1059 -30.60 36.40 -0.71
C ALA A 1059 -29.28 35.84 -1.23
N ASN A 1060 -29.25 34.51 -1.34
CA ASN A 1060 -28.09 33.80 -1.86
C ASN A 1060 -28.00 34.03 -3.37
N VAL A 1061 -26.85 34.53 -3.83
CA VAL A 1061 -26.62 34.83 -5.24
C VAL A 1061 -25.39 34.11 -5.79
N GLY A 1062 -24.77 33.22 -5.00
CA GLY A 1062 -23.54 32.59 -5.41
C GLY A 1062 -23.60 31.08 -5.25
N ASN A 1063 -22.59 30.42 -5.83
CA ASN A 1063 -22.51 28.97 -5.83
C ASN A 1063 -21.07 28.53 -5.67
N LEU A 1064 -20.89 27.30 -5.21
CA LEU A 1064 -19.58 26.70 -5.04
C LEU A 1064 -19.16 25.98 -6.33
N LEU A 1065 -17.85 26.02 -6.60
CA LEU A 1065 -17.32 25.44 -7.83
C LEU A 1065 -17.36 23.92 -7.83
N HIS A 1066 -17.31 23.30 -6.65
CA HIS A 1066 -17.32 21.85 -6.56
C HIS A 1066 -18.72 21.29 -6.83
N THR A 1067 -18.77 20.05 -7.30
CA THR A 1067 -20.00 19.39 -7.68
C THR A 1067 -20.44 18.41 -6.59
N ALA A 1068 -21.76 18.34 -6.39
CA ALA A 1068 -22.48 17.42 -5.50
C ALA A 1068 -22.09 17.59 -4.02
N MET A 1069 -21.53 18.73 -3.64
CA MET A 1069 -21.19 19.03 -2.25
C MET A 1069 -21.10 20.54 -2.15
N LYS A 1070 -21.97 21.14 -1.33
CA LYS A 1070 -21.99 22.59 -1.17
C LYS A 1070 -21.72 23.02 0.26
N GLY A 1071 -21.41 22.09 1.16
CA GLY A 1071 -21.27 22.39 2.57
C GLY A 1071 -22.25 21.58 3.40
N GLY A 1072 -23.17 22.27 4.06
CA GLY A 1072 -24.24 21.62 4.80
C GLY A 1072 -25.46 21.39 3.93
N VAL A 1073 -26.63 21.37 4.56
CA VAL A 1073 -27.88 21.31 3.81
C VAL A 1073 -28.11 22.62 3.06
N ASP A 1074 -27.93 23.74 3.76
CA ASP A 1074 -27.82 25.10 3.21
C ASP A 1074 -29.08 25.56 2.48
N ASP A 1075 -30.20 25.56 3.20
CA ASP A 1075 -31.39 26.26 2.74
C ASP A 1075 -31.34 27.71 3.24
N GLU A 1076 -32.46 28.43 3.12
CA GLU A 1076 -32.43 29.87 3.36
C GLU A 1076 -32.35 30.22 4.84
N VAL A 1077 -33.07 29.48 5.69
CA VAL A 1077 -33.06 29.77 7.12
C VAL A 1077 -31.74 29.35 7.76
N SER A 1078 -31.14 28.26 7.28
CA SER A 1078 -29.82 27.86 7.79
C SER A 1078 -28.73 28.78 7.27
N LEU A 1079 -28.89 29.35 6.08
CA LEU A 1079 -27.92 30.33 5.60
C LEU A 1079 -28.02 31.63 6.39
N THR A 1080 -29.24 32.04 6.74
CA THR A 1080 -29.42 33.21 7.61
C THR A 1080 -28.85 32.96 9.00
N ALA A 1081 -29.05 31.75 9.54
CA ALA A 1081 -28.49 31.40 10.83
C ALA A 1081 -26.97 31.32 10.79
N TYR A 1082 -26.42 30.86 9.67
CA TYR A 1082 -24.97 30.74 9.54
C TYR A 1082 -24.30 32.10 9.38
N VAL A 1083 -24.93 33.02 8.62
CA VAL A 1083 -24.35 34.35 8.48
C VAL A 1083 -24.49 35.14 9.78
N THR A 1084 -25.59 34.95 10.54
CA THR A 1084 -25.72 35.64 11.81
C THR A 1084 -24.80 35.05 12.87
N ALA A 1085 -24.48 33.76 12.77
CA ALA A 1085 -23.42 33.20 13.62
C ALA A 1085 -22.06 33.71 13.21
N ALA A 1086 -21.84 33.95 11.91
CA ALA A 1086 -20.56 34.44 11.43
C ALA A 1086 -20.34 35.90 11.74
N LEU A 1087 -21.39 36.66 12.07
CA LEU A 1087 -21.17 38.07 12.42
C LEU A 1087 -20.56 38.25 13.81
N LEU A 1088 -20.98 37.46 14.81
CA LEU A 1088 -20.48 37.69 16.16
C LEU A 1088 -19.24 36.81 16.39
N GLU A 1089 -18.85 36.65 17.66
CA GLU A 1089 -17.87 35.73 18.26
C GLU A 1089 -16.43 35.93 17.78
N MET A 1090 -16.13 37.02 17.07
CA MET A 1090 -14.75 37.47 17.03
C MET A 1090 -14.53 38.78 17.77
N GLY A 1091 -15.43 39.76 17.65
CA GLY A 1091 -15.34 40.98 18.43
C GLY A 1091 -16.70 41.59 18.74
N LYS A 1092 -17.76 40.87 18.44
CA LYS A 1092 -19.10 41.45 18.37
C LYS A 1092 -20.04 40.79 19.36
N ASP A 1093 -21.17 41.45 19.60
CA ASP A 1093 -22.13 41.04 20.61
C ASP A 1093 -23.54 41.26 20.06
N VAL A 1094 -24.53 41.22 20.95
CA VAL A 1094 -25.94 41.34 20.59
C VAL A 1094 -26.29 42.80 20.32
N ASP A 1095 -27.51 43.00 19.79
CA ASP A 1095 -28.16 44.30 19.45
C ASP A 1095 -27.30 45.23 18.60
N ASP A 1096 -26.43 44.66 17.76
CA ASP A 1096 -25.80 45.40 16.69
C ASP A 1096 -26.80 45.60 15.55
N PRO A 1097 -26.63 46.65 14.73
CA PRO A 1097 -27.57 46.87 13.61
C PRO A 1097 -27.61 45.75 12.57
N MET A 1098 -26.50 45.08 12.30
CA MET A 1098 -26.52 44.03 11.28
C MET A 1098 -26.87 42.66 11.83
N VAL A 1099 -27.03 42.50 13.13
CA VAL A 1099 -27.56 41.26 13.68
C VAL A 1099 -29.00 41.40 14.14
N SER A 1100 -29.51 42.62 14.28
CA SER A 1100 -30.89 42.83 14.72
C SER A 1100 -31.89 42.39 13.66
N GLN A 1101 -31.61 42.71 12.39
CA GLN A 1101 -32.44 42.23 11.28
C GLN A 1101 -32.35 40.72 11.12
N GLY A 1102 -31.19 40.14 11.40
CA GLY A 1102 -31.05 38.69 11.35
C GLY A 1102 -31.83 37.97 12.44
N LEU A 1103 -31.80 38.51 13.67
CA LEU A 1103 -32.58 37.90 14.74
C LEU A 1103 -34.07 38.17 14.57
N ARG A 1104 -34.44 39.27 13.91
CA ARG A 1104 -35.83 39.48 13.54
C ARG A 1104 -36.29 38.51 12.46
N CYS A 1105 -35.39 38.13 11.55
CA CYS A 1105 -35.69 37.07 10.61
C CYS A 1105 -35.73 35.70 11.28
N LEU A 1106 -35.00 35.52 12.38
CA LEU A 1106 -34.80 34.20 12.96
C LEU A 1106 -35.51 33.98 14.29
N LYS A 1107 -36.26 34.94 14.81
CA LYS A 1107 -37.07 34.69 16.00
C LYS A 1107 -38.25 33.79 15.68
N ASN A 1108 -38.95 34.07 14.57
CA ASN A 1108 -40.06 33.25 14.14
C ASN A 1108 -39.61 32.01 13.38
N SER A 1109 -38.32 31.92 13.01
CA SER A 1109 -37.82 30.71 12.35
C SER A 1109 -37.74 29.53 13.31
N ALA A 1110 -37.45 29.80 14.59
CA ALA A 1110 -37.48 28.74 15.59
C ALA A 1110 -38.89 28.33 15.96
N THR A 1111 -39.89 29.19 15.70
CA THR A 1111 -41.28 28.83 15.94
C THR A 1111 -41.77 27.82 14.92
N SER A 1112 -41.18 27.83 13.72
CA SER A 1112 -41.58 26.90 12.67
C SER A 1112 -41.20 25.46 12.99
N THR A 1113 -40.05 25.28 13.68
CA THR A 1113 -39.47 23.97 14.05
C THR A 1113 -39.28 23.06 12.84
N THR A 1114 -38.70 23.63 11.79
CA THR A 1114 -38.50 22.95 10.52
C THR A 1114 -37.07 22.44 10.43
N ASN A 1115 -36.93 21.17 10.01
CA ASN A 1115 -35.69 20.49 9.62
C ASN A 1115 -34.78 20.23 10.83
N LEU A 1116 -33.68 19.51 10.63
CA LEU A 1116 -32.77 19.12 11.71
C LEU A 1116 -31.48 19.92 11.72
N TYR A 1117 -30.94 20.25 10.54
CA TYR A 1117 -29.74 21.09 10.46
C TYR A 1117 -30.06 22.51 10.90
N THR A 1118 -31.21 23.03 10.47
CA THR A 1118 -31.64 24.36 10.89
C THR A 1118 -31.99 24.41 12.37
N GLN A 1119 -32.51 23.30 12.92
CA GLN A 1119 -32.83 23.25 14.35
C GLN A 1119 -31.57 23.29 15.21
N ALA A 1120 -30.55 22.51 14.84
CA ALA A 1120 -29.30 22.49 15.60
C ALA A 1120 -28.55 23.81 15.44
N LEU A 1121 -28.60 24.41 14.25
CA LEU A 1121 -27.92 25.70 14.07
C LEU A 1121 -28.69 26.83 14.75
N LEU A 1122 -30.02 26.70 14.88
CA LEU A 1122 -30.79 27.66 15.67
C LEU A 1122 -30.49 27.53 17.16
N ALA A 1123 -30.32 26.29 17.63
CA ALA A 1123 -29.91 26.05 19.02
C ALA A 1123 -28.52 26.57 19.29
N TYR A 1124 -27.64 26.56 18.27
CA TYR A 1124 -26.33 27.17 18.45
C TYR A 1124 -26.39 28.70 18.44
N ILE A 1125 -27.17 29.30 17.53
CA ILE A 1125 -27.15 30.76 17.47
C ILE A 1125 -27.94 31.42 18.59
N PHE A 1126 -28.86 30.69 19.22
CA PHE A 1126 -29.44 31.22 20.45
C PHE A 1126 -28.59 30.92 21.67
N SER A 1127 -27.59 30.04 21.54
CA SER A 1127 -26.65 29.83 22.63
C SER A 1127 -25.64 30.97 22.73
N LEU A 1128 -25.29 31.58 21.60
CA LEU A 1128 -24.39 32.72 21.61
C LEU A 1128 -25.11 34.04 21.86
N ALA A 1129 -26.44 34.05 21.87
CA ALA A 1129 -27.20 35.29 22.04
C ALA A 1129 -27.29 35.72 23.50
N GLY A 1130 -26.79 34.92 24.44
CA GLY A 1130 -26.84 35.29 25.83
C GLY A 1130 -28.16 35.03 26.51
N GLU A 1131 -29.04 34.25 25.89
CA GLU A 1131 -30.32 33.90 26.47
C GLU A 1131 -30.36 32.42 26.82
N MET A 1132 -31.15 32.08 27.84
CA MET A 1132 -31.26 30.70 28.32
C MET A 1132 -32.71 30.27 28.43
N ASP A 1133 -33.58 30.82 27.59
CA ASP A 1133 -35.01 30.53 27.65
C ASP A 1133 -35.58 29.98 26.36
N ILE A 1134 -35.09 30.42 25.20
CA ILE A 1134 -35.60 29.92 23.92
C ILE A 1134 -34.65 28.94 23.27
N ARG A 1135 -33.47 28.71 23.86
CA ARG A 1135 -32.53 27.76 23.28
C ARG A 1135 -32.65 26.37 23.89
N ASN A 1136 -33.08 26.27 25.15
CA ASN A 1136 -33.24 24.98 25.78
C ASN A 1136 -34.56 24.30 25.42
N ILE A 1137 -35.50 25.04 24.84
CA ILE A 1137 -36.80 24.45 24.53
C ILE A 1137 -36.78 23.61 23.25
N LEU A 1138 -35.85 23.87 22.33
CA LEU A 1138 -35.70 23.02 21.16
C LEU A 1138 -34.60 21.98 21.32
N LEU A 1139 -33.84 22.03 22.43
CA LEU A 1139 -32.96 20.93 22.76
C LEU A 1139 -33.73 19.73 23.31
N LYS A 1140 -34.94 19.96 23.83
CA LYS A 1140 -35.77 18.87 24.33
C LYS A 1140 -36.28 17.99 23.21
N GLN A 1141 -36.54 18.56 22.04
CA GLN A 1141 -36.92 17.80 20.86
C GLN A 1141 -35.72 17.42 20.01
N LEU A 1142 -34.51 17.79 20.43
CA LEU A 1142 -33.29 17.44 19.70
C LEU A 1142 -32.60 16.22 20.27
N ASP A 1143 -32.49 16.13 21.61
CA ASP A 1143 -31.83 14.98 22.22
C ASP A 1143 -32.66 13.71 22.18
N GLN A 1144 -33.99 13.83 22.06
CA GLN A 1144 -34.84 12.64 22.04
C GLN A 1144 -34.77 11.90 20.71
N GLN A 1145 -34.40 12.58 19.64
CA GLN A 1145 -34.25 11.95 18.34
C GLN A 1145 -32.79 11.61 18.03
N ALA A 1146 -31.92 11.66 19.03
CA ALA A 1146 -30.53 11.27 18.86
C ALA A 1146 -30.43 9.76 18.82
N ILE A 1147 -29.97 9.22 17.69
CA ILE A 1147 -29.76 7.78 17.58
C ILE A 1147 -28.49 7.41 18.33
N ILE A 1148 -28.55 6.28 19.02
CA ILE A 1148 -27.57 5.92 20.05
C ILE A 1148 -26.82 4.67 19.59
N SER A 1149 -25.49 4.76 19.59
CA SER A 1149 -24.62 3.62 19.26
C SER A 1149 -23.60 3.49 20.39
N GLY A 1150 -23.92 2.66 21.39
CA GLY A 1150 -23.06 2.54 22.55
C GLY A 1150 -23.12 3.79 23.41
N GLU A 1151 -21.99 4.15 24.00
CA GLU A 1151 -21.86 5.44 24.67
C GLU A 1151 -21.29 6.50 23.72
N SER A 1152 -21.90 6.61 22.55
CA SER A 1152 -21.52 7.61 21.55
C SER A 1152 -22.78 7.97 20.78
N ILE A 1153 -23.45 9.02 21.23
CA ILE A 1153 -24.72 9.42 20.64
C ILE A 1153 -24.47 10.45 19.56
N TYR A 1154 -25.30 10.41 18.52
CA TYR A 1154 -25.07 11.22 17.33
C TYR A 1154 -26.39 11.43 16.61
N TRP A 1155 -26.40 12.40 15.70
CA TRP A 1155 -27.55 12.71 14.87
C TRP A 1155 -27.21 12.53 13.40
N SER A 1156 -28.25 12.28 12.61
CA SER A 1156 -28.13 12.18 11.16
C SER A 1156 -29.48 12.53 10.54
N GLN A 1157 -29.47 13.49 9.62
CA GLN A 1157 -30.71 13.94 8.99
C GLN A 1157 -31.00 13.15 7.72
N ALA A 1173 -20.51 12.83 6.96
CA ALA A 1173 -20.73 13.96 6.05
C ALA A 1173 -21.57 15.04 6.73
N VAL A 1174 -22.87 15.00 6.49
CA VAL A 1174 -23.79 15.97 7.10
C VAL A 1174 -24.00 15.63 8.58
N ASP A 1175 -23.90 14.34 8.92
CA ASP A 1175 -24.07 13.88 10.30
C ASP A 1175 -22.97 14.42 11.22
N VAL A 1176 -21.75 14.54 10.70
CA VAL A 1176 -20.64 15.14 11.45
C VAL A 1176 -20.91 16.62 11.68
N GLU A 1177 -21.53 17.29 10.70
CA GLU A 1177 -21.90 18.70 10.85
C GLU A 1177 -22.97 18.90 11.92
N LEU A 1178 -24.00 18.04 11.94
CA LEU A 1178 -25.01 18.08 12.99
C LEU A 1178 -24.43 17.82 14.38
N THR A 1179 -23.57 16.81 14.50
CA THR A 1179 -23.00 16.52 15.81
C THR A 1179 -22.01 17.59 16.26
N ALA A 1180 -21.26 18.19 15.33
CA ALA A 1180 -20.33 19.25 15.68
C ALA A 1180 -21.06 20.52 16.10
N TYR A 1181 -22.14 20.88 15.40
CA TYR A 1181 -22.88 22.08 15.81
C TYR A 1181 -23.70 21.84 17.07
N ALA A 1182 -24.15 20.60 17.31
CA ALA A 1182 -24.85 20.32 18.57
C ALA A 1182 -23.89 20.32 19.75
N LEU A 1183 -22.67 19.80 19.56
CA LEU A 1183 -21.64 19.88 20.58
C LEU A 1183 -21.22 21.31 20.84
N LEU A 1184 -21.14 22.12 19.77
CA LEU A 1184 -20.79 23.53 19.90
C LEU A 1184 -21.89 24.31 20.59
N ALA A 1185 -23.15 23.87 20.46
CA ALA A 1185 -24.25 24.46 21.20
C ALA A 1185 -24.27 24.05 22.66
N GLN A 1186 -23.99 22.78 22.96
CA GLN A 1186 -24.15 22.27 24.32
C GLN A 1186 -23.05 22.72 25.28
N LEU A 1187 -21.94 23.25 24.78
CA LEU A 1187 -20.84 23.67 25.63
C LEU A 1187 -20.63 25.18 25.56
N THR A 1188 -21.71 25.91 25.33
CA THR A 1188 -21.67 27.35 25.17
C THR A 1188 -22.14 28.08 26.43
N LYS A 1189 -23.09 27.49 27.16
CA LYS A 1189 -23.59 28.06 28.40
C LYS A 1189 -22.50 28.07 29.47
N PRO A 1190 -22.42 29.12 30.30
CA PRO A 1190 -21.33 29.18 31.29
C PRO A 1190 -21.54 28.25 32.46
N SER A 1191 -22.79 27.99 32.85
CA SER A 1191 -23.07 27.02 33.90
C SER A 1191 -23.02 25.62 33.30
N LEU A 1192 -22.06 24.82 33.76
CA LEU A 1192 -21.84 23.48 33.24
C LEU A 1192 -22.00 22.48 34.38
N THR A 1193 -22.92 21.54 34.21
CA THR A 1193 -23.11 20.45 35.15
C THR A 1193 -22.52 19.17 34.57
N GLN A 1194 -22.35 18.18 35.46
CA GLN A 1194 -21.65 16.94 35.10
C GLN A 1194 -22.44 16.08 34.12
N LYS A 1195 -23.77 16.21 34.10
CA LYS A 1195 -24.57 15.53 33.09
C LYS A 1195 -24.30 16.10 31.70
N GLU A 1196 -24.12 17.43 31.61
CA GLU A 1196 -23.77 18.04 30.33
C GLU A 1196 -22.36 17.68 29.90
N ILE A 1197 -21.44 17.50 30.86
CA ILE A 1197 -20.09 17.05 30.52
C ILE A 1197 -20.09 15.61 30.03
N ALA A 1198 -20.94 14.76 30.64
CA ALA A 1198 -21.08 13.38 30.19
C ALA A 1198 -21.71 13.31 28.80
N LYS A 1199 -22.70 14.17 28.54
CA LYS A 1199 -23.30 14.27 27.21
C LYS A 1199 -22.30 14.77 26.18
N ALA A 1200 -21.44 15.72 26.58
CA ALA A 1200 -20.40 16.24 25.70
C ALA A 1200 -19.36 15.19 25.37
N THR A 1201 -18.98 14.37 26.35
CA THR A 1201 -18.07 13.25 26.08
C THR A 1201 -18.73 12.18 25.22
N SER A 1202 -20.06 12.03 25.34
CA SER A 1202 -20.78 11.12 24.46
C SER A 1202 -20.77 11.61 23.02
N ILE A 1203 -20.86 12.92 22.81
CA ILE A 1203 -20.73 13.45 21.45
C ILE A 1203 -19.30 13.31 20.94
N VAL A 1204 -18.32 13.63 21.80
CA VAL A 1204 -16.90 13.63 21.45
C VAL A 1204 -16.39 12.22 21.11
N ALA A 1205 -16.89 11.20 21.81
CA ALA A 1205 -16.55 9.82 21.49
C ALA A 1205 -17.09 9.38 20.13
N TRP A 1206 -18.15 10.03 19.62
CA TRP A 1206 -18.52 9.81 18.23
C TRP A 1206 -17.68 10.65 17.29
N LEU A 1207 -17.30 11.86 17.71
CA LEU A 1207 -16.43 12.71 16.89
C LEU A 1207 -15.01 12.19 16.84
N ALA A 1208 -14.58 11.41 17.84
CA ALA A 1208 -13.24 10.86 17.85
C ALA A 1208 -13.06 9.78 16.79
N LYS A 1209 -14.13 9.09 16.43
CA LYS A 1209 -14.03 7.96 15.52
C LYS A 1209 -13.96 8.38 14.07
N GLN A 1210 -14.41 9.60 13.75
CA GLN A 1210 -14.34 10.09 12.37
C GLN A 1210 -12.89 10.42 12.02
N HIS A 1211 -12.44 9.94 10.87
CA HIS A 1211 -11.09 10.23 10.41
C HIS A 1211 -11.05 10.57 8.93
N ASN A 1212 -12.19 10.75 8.29
CA ASN A 1212 -12.27 11.23 6.92
C ASN A 1212 -12.83 12.64 6.80
N ALA A 1213 -13.68 13.06 7.74
CA ALA A 1213 -14.16 14.44 7.76
C ALA A 1213 -13.06 15.40 8.18
N TYR A 1214 -12.14 14.95 9.02
CA TYR A 1214 -10.91 15.67 9.30
C TYR A 1214 -9.73 14.71 9.16
N GLY A 1215 -8.58 15.28 8.81
CA GLY A 1215 -7.50 14.50 8.25
C GLY A 1215 -7.48 14.49 6.74
N GLY A 1216 -8.58 14.90 6.11
CA GLY A 1216 -8.59 15.12 4.67
C GLY A 1216 -9.47 16.31 4.36
N PHE A 1217 -9.18 16.96 3.24
CA PHE A 1217 -9.88 18.17 2.84
C PHE A 1217 -10.99 17.90 1.83
N SER A 1218 -11.67 16.76 1.97
CA SER A 1218 -12.73 16.37 1.06
C SER A 1218 -14.02 17.16 1.28
N SER A 1219 -14.17 17.83 2.41
CA SER A 1219 -15.35 18.64 2.69
C SER A 1219 -14.93 20.07 2.97
N THR A 1220 -15.73 21.03 2.49
CA THR A 1220 -15.34 22.43 2.54
C THR A 1220 -15.48 23.04 3.94
N GLN A 1221 -16.41 22.55 4.77
CA GLN A 1221 -16.61 23.16 6.07
C GLN A 1221 -16.92 22.16 7.18
N ASP A 1222 -16.80 20.85 6.94
CA ASP A 1222 -17.02 19.89 8.02
C ASP A 1222 -15.86 19.90 9.00
N THR A 1223 -14.64 20.06 8.48
CA THR A 1223 -13.43 20.03 9.29
C THR A 1223 -13.36 21.21 10.24
N VAL A 1224 -13.77 22.39 9.79
CA VAL A 1224 -13.66 23.59 10.63
C VAL A 1224 -14.64 23.56 11.81
N VAL A 1225 -15.85 23.03 11.59
CA VAL A 1225 -16.81 22.96 12.68
C VAL A 1225 -16.48 21.81 13.63
N ALA A 1226 -15.95 20.69 13.09
CA ALA A 1226 -15.52 19.58 13.95
C ALA A 1226 -14.34 19.99 14.83
N LEU A 1227 -13.34 20.68 14.27
CA LEU A 1227 -12.20 21.11 15.08
C LEU A 1227 -12.55 22.25 16.02
N GLN A 1228 -13.49 23.15 15.67
CA GLN A 1228 -13.82 24.17 16.65
C GLN A 1228 -14.71 23.61 17.76
N ALA A 1229 -15.50 22.57 17.48
CA ALA A 1229 -16.25 21.89 18.53
C ALA A 1229 -15.32 21.14 19.48
N LEU A 1230 -14.32 20.44 18.92
CA LEU A 1230 -13.35 19.76 19.77
C LEU A 1230 -12.45 20.73 20.53
N ALA A 1231 -12.13 21.89 19.93
CA ALA A 1231 -11.31 22.89 20.62
C ALA A 1231 -12.08 23.56 21.75
N LYS A 1232 -13.37 23.83 21.54
CA LYS A 1232 -14.16 24.44 22.60
C LYS A 1232 -14.47 23.42 23.69
N TYR A 1233 -14.58 22.14 23.32
CA TYR A 1233 -14.69 21.06 24.31
C TYR A 1233 -13.43 20.94 25.15
N ALA A 1234 -12.26 21.06 24.52
CA ALA A 1234 -11.00 21.02 25.27
C ALA A 1234 -10.79 22.30 26.08
N THR A 1235 -11.39 23.41 25.65
CA THR A 1235 -11.37 24.63 26.45
C THR A 1235 -12.19 24.47 27.73
N THR A 1236 -13.41 23.95 27.60
CA THR A 1236 -14.36 23.99 28.72
C THR A 1236 -14.01 22.97 29.81
N ALA A 1237 -14.00 21.70 29.47
CA ALA A 1237 -13.94 20.66 30.49
C ALA A 1237 -12.67 19.82 30.43
N TYR A 1238 -12.31 19.33 29.25
CA TYR A 1238 -11.35 18.24 29.12
C TYR A 1238 -9.95 18.79 28.92
N MET A 1239 -9.12 18.75 29.97
CA MET A 1239 -7.73 18.76 29.57
C MET A 1239 -7.22 17.33 29.49
N PRO A 1240 -6.28 17.01 28.57
CA PRO A 1240 -5.85 15.61 28.43
C PRO A 1240 -4.96 15.14 29.57
N SER A 1241 -4.56 13.88 29.51
CA SER A 1241 -3.84 13.26 30.61
C SER A 1241 -2.40 13.76 30.71
N GLU A 1242 -1.95 13.97 31.94
CA GLU A 1242 -0.53 14.09 32.26
C GLU A 1242 -0.09 13.01 33.21
N GLU A 1243 -0.78 12.83 34.34
CA GLU A 1243 -0.47 11.75 35.27
C GLU A 1243 -1.73 11.43 36.05
N ILE A 1244 -2.27 10.23 35.86
CA ILE A 1244 -3.41 9.76 36.63
C ILE A 1244 -3.10 8.40 37.21
N ASN A 1245 -3.14 8.30 38.53
CA ASN A 1245 -3.16 7.03 39.23
C ASN A 1245 -4.63 6.73 39.53
N LEU A 1246 -5.20 5.77 38.82
CA LEU A 1246 -6.58 5.36 39.00
C LEU A 1246 -6.62 4.01 39.68
N VAL A 1247 -7.60 3.80 40.54
CA VAL A 1247 -7.79 2.51 41.18
C VAL A 1247 -9.28 2.22 41.28
N VAL A 1248 -9.66 0.98 40.95
CA VAL A 1248 -11.03 0.51 41.03
C VAL A 1248 -11.11 -0.50 42.17
N LYS A 1249 -12.23 -0.49 42.87
CA LYS A 1249 -12.47 -1.36 44.02
C LYS A 1249 -13.85 -2.00 43.87
N SER A 1250 -14.01 -3.15 44.51
CA SER A 1250 -15.24 -3.93 44.40
C SER A 1250 -15.67 -4.39 45.79
N THR A 1251 -16.66 -5.28 45.81
CA THR A 1251 -17.13 -5.87 47.07
C THR A 1251 -16.17 -6.92 47.61
N GLU A 1252 -15.45 -7.62 46.72
CA GLU A 1252 -14.47 -8.61 47.12
C GLU A 1252 -13.07 -8.03 47.27
N ASN A 1253 -12.97 -6.72 47.52
CA ASN A 1253 -11.79 -5.85 47.54
C ASN A 1253 -10.80 -6.11 46.40
N PHE A 1254 -11.34 -6.31 45.19
CA PHE A 1254 -10.51 -6.41 43.99
C PHE A 1254 -9.96 -5.03 43.65
N GLN A 1255 -8.76 -4.74 44.12
CA GLN A 1255 -8.11 -3.46 43.88
C GLN A 1255 -7.32 -3.56 42.59
N ARG A 1256 -7.71 -2.78 41.57
CA ARG A 1256 -6.98 -2.79 40.31
C ARG A 1256 -6.54 -1.38 39.97
N THR A 1257 -5.26 -1.22 39.67
CA THR A 1257 -4.60 0.08 39.60
C THR A 1257 -4.08 0.31 38.19
N PHE A 1258 -4.47 1.43 37.59
CA PHE A 1258 -3.98 1.86 36.30
C PHE A 1258 -3.16 3.13 36.44
N ASN A 1259 -1.99 3.14 35.80
CA ASN A 1259 -1.11 4.30 35.78
C ASN A 1259 -1.11 4.86 34.37
N ILE A 1260 -1.46 6.12 34.23
CA ILE A 1260 -1.52 6.75 32.91
C ILE A 1260 -0.56 7.94 32.95
N GLN A 1261 0.50 7.86 32.15
CA GLN A 1261 1.48 8.93 32.01
C GLN A 1261 1.07 9.84 30.87
N SER A 1262 1.98 10.70 30.44
CA SER A 1262 1.78 11.48 29.23
C SER A 1262 2.38 10.82 28.00
N VAL A 1263 2.94 9.62 28.14
CA VAL A 1263 3.52 8.90 27.02
C VAL A 1263 2.69 7.70 26.60
N ASN A 1264 1.83 7.17 27.47
CA ASN A 1264 0.96 6.04 27.13
C ASN A 1264 -0.49 6.42 27.32
N ARG A 1265 -0.81 7.71 27.20
CA ARG A 1265 -2.17 8.17 27.42
C ARG A 1265 -3.09 7.89 26.25
N LEU A 1266 -2.56 7.54 25.09
CA LEU A 1266 -3.40 7.10 23.98
C LEU A 1266 -3.58 5.59 23.96
N VAL A 1267 -2.93 4.87 24.86
CA VAL A 1267 -3.03 3.42 24.92
C VAL A 1267 -4.36 3.06 25.57
N PHE A 1268 -5.22 2.41 24.80
CA PHE A 1268 -6.55 1.98 25.21
C PHE A 1268 -6.41 0.84 26.20
N GLN A 1269 -6.45 1.15 27.49
CA GLN A 1269 -6.24 0.13 28.50
C GLN A 1269 -7.57 -0.43 28.99
N GLN A 1270 -7.59 -1.73 29.28
CA GLN A 1270 -8.82 -2.35 29.73
C GLN A 1270 -8.48 -3.53 30.62
N ASP A 1271 -9.46 -3.92 31.44
CA ASP A 1271 -9.30 -5.09 32.31
C ASP A 1271 -10.66 -5.67 32.63
N THR A 1272 -10.72 -6.99 32.69
CA THR A 1272 -11.96 -7.68 33.03
C THR A 1272 -12.23 -7.56 34.53
N LEU A 1273 -13.47 -7.86 34.90
CA LEU A 1273 -13.92 -7.76 36.28
C LEU A 1273 -14.30 -9.13 36.81
N PRO A 1274 -13.50 -9.75 37.67
CA PRO A 1274 -13.79 -11.13 38.11
C PRO A 1274 -14.91 -11.22 39.13
N ASN A 1275 -15.26 -10.12 39.79
CA ASN A 1275 -16.29 -10.13 40.82
C ASN A 1275 -17.67 -10.24 40.18
N VAL A 1276 -18.57 -10.92 40.89
CA VAL A 1276 -19.98 -11.08 40.53
C VAL A 1276 -20.62 -9.69 40.43
N PRO A 1277 -21.46 -9.41 39.37
CA PRO A 1277 -21.95 -8.05 39.10
C PRO A 1277 -22.66 -7.30 40.22
N GLY A 1278 -22.04 -6.20 40.64
CA GLY A 1278 -22.52 -5.37 41.73
C GLY A 1278 -21.84 -4.02 41.76
N MET A 1279 -21.47 -3.57 42.95
CA MET A 1279 -20.87 -2.26 43.15
C MET A 1279 -19.42 -2.25 42.68
N TYR A 1280 -19.01 -1.15 42.05
CA TYR A 1280 -17.63 -0.93 41.66
C TYR A 1280 -17.36 0.56 41.85
N THR A 1281 -16.37 0.90 42.66
CA THR A 1281 -16.07 2.32 42.80
C THR A 1281 -14.76 2.65 42.08
N LEU A 1282 -14.74 3.87 41.56
CA LEU A 1282 -13.74 4.34 40.61
C LEU A 1282 -13.12 5.59 41.21
N GLU A 1283 -11.83 5.56 41.53
CA GLU A 1283 -11.22 6.78 42.05
C GLU A 1283 -9.88 7.06 41.39
N ALA A 1284 -9.73 8.29 40.92
CA ALA A 1284 -8.57 8.73 40.17
C ALA A 1284 -7.93 9.91 40.86
N SER A 1285 -6.60 9.93 40.90
CA SER A 1285 -5.84 11.02 41.49
C SER A 1285 -4.77 11.50 40.53
N GLY A 1286 -4.54 12.80 40.51
CA GLY A 1286 -3.46 13.36 39.72
C GLY A 1286 -3.97 14.45 38.81
N GLN A 1287 -3.16 14.77 37.80
CA GLN A 1287 -3.43 15.84 36.86
C GLN A 1287 -3.90 15.25 35.54
N GLY A 1288 -5.07 15.68 35.09
CA GLY A 1288 -5.66 15.24 33.84
C GLY A 1288 -6.98 14.53 34.06
N CYS A 1289 -7.70 14.34 32.95
CA CYS A 1289 -8.95 13.61 32.93
C CYS A 1289 -8.73 12.25 32.27
N VAL A 1290 -9.46 11.24 32.74
CA VAL A 1290 -9.48 9.92 32.11
C VAL A 1290 -10.91 9.54 31.78
N TYR A 1291 -11.08 8.81 30.69
CA TYR A 1291 -12.39 8.31 30.27
C TYR A 1291 -12.47 6.85 30.69
N VAL A 1292 -13.41 6.53 31.57
CA VAL A 1292 -13.59 5.18 32.07
C VAL A 1292 -14.93 4.67 31.60
N GLN A 1293 -14.91 3.58 30.84
CA GLN A 1293 -16.12 2.99 30.28
C GLN A 1293 -16.24 1.55 30.76
N THR A 1294 -17.38 1.21 31.33
CA THR A 1294 -17.65 -0.13 31.84
C THR A 1294 -18.66 -0.80 30.94
N VAL A 1295 -18.29 -1.94 30.36
CA VAL A 1295 -19.15 -2.67 29.44
C VAL A 1295 -19.49 -4.01 30.08
N LEU A 1296 -20.79 -4.31 30.16
CA LEU A 1296 -21.29 -5.57 30.69
C LEU A 1296 -22.12 -6.25 29.62
N ARG A 1297 -21.65 -7.39 29.14
CA ARG A 1297 -22.32 -8.14 28.08
C ARG A 1297 -22.80 -9.47 28.64
N TYR A 1298 -24.06 -9.82 28.36
CA TYR A 1298 -24.61 -11.09 28.79
C TYR A 1298 -25.71 -11.48 27.82
N ASN A 1299 -26.03 -12.78 27.79
CA ASN A 1299 -27.02 -13.31 26.85
C ASN A 1299 -28.28 -13.72 27.59
N ILE A 1300 -29.42 -13.39 26.98
CA ILE A 1300 -30.74 -13.67 27.55
C ILE A 1300 -31.58 -14.43 26.53
N LEU A 1301 -32.57 -15.15 27.05
CA LEU A 1301 -33.53 -15.89 26.24
C LEU A 1301 -34.71 -15.00 25.87
N PRO A 1302 -35.22 -15.08 24.63
CA PRO A 1302 -36.37 -14.27 24.25
C PRO A 1302 -37.70 -14.89 24.68
C1 NAG B . 18.06 6.48 6.14
C2 NAG B . 17.76 7.88 6.70
C3 NAG B . 19.06 8.68 6.87
C4 NAG B . 20.08 7.89 7.71
C5 NAG B . 20.29 6.50 7.11
C6 NAG B . 21.17 5.62 7.96
C7 NAG B . 15.53 8.72 6.11
C8 NAG B . 14.72 9.50 5.12
N2 NAG B . 16.84 8.60 5.85
O3 NAG B . 18.75 9.92 7.48
O4 NAG B . 21.33 8.57 7.71
O5 NAG B . 19.03 5.82 6.98
O6 NAG B . 21.04 5.90 9.34
O7 NAG B . 15.03 8.21 7.12
C1 NAG B . 21.60 9.19 8.99
C2 NAG B . 23.12 9.27 9.22
C3 NAG B . 23.42 10.02 10.52
C4 NAG B . 22.73 11.38 10.55
C5 NAG B . 21.23 11.22 10.29
C6 NAG B . 20.51 12.54 10.17
C7 NAG B . 24.31 7.38 8.19
C8 NAG B . 24.88 6.02 8.40
N2 NAG B . 23.71 7.94 9.25
O3 NAG B . 24.82 10.18 10.66
O4 NAG B . 22.92 12.00 11.81
O5 NAG B . 21.03 10.53 9.04
O6 NAG B . 20.61 13.29 11.38
O7 NAG B . 24.39 7.96 7.11
C1 NAG C . -7.67 -30.94 24.56
C2 NAG C . -7.56 -29.45 24.88
C3 NAG C . -6.09 -29.08 25.05
C4 NAG C . -5.45 -29.91 26.16
C5 NAG C . -5.67 -31.42 25.94
C6 NAG C . -5.36 -32.25 27.16
C7 NAG C . -9.01 -27.60 24.08
C8 NAG C . -9.35 -27.30 25.52
N2 NAG C . -8.18 -28.62 23.85
O3 NAG C . -5.98 -27.70 25.35
O4 NAG C . -4.09 -29.53 26.31
O5 NAG C . -7.05 -31.71 25.62
O6 NAG C . -5.97 -31.70 28.33
O7 NAG C . -9.49 -26.94 23.17
C1 NAG C . -3.07 -30.02 25.40
C2 NAG C . -2.26 -28.92 24.71
C3 NAG C . -1.09 -29.52 23.93
C4 NAG C . -0.22 -30.40 24.84
C5 NAG C . -1.09 -31.48 25.47
C6 NAG C . -0.35 -32.34 26.46
C7 NAG C . -3.17 -26.79 23.79
C8 NAG C . -2.30 -26.05 24.78
N2 NAG C . -3.10 -28.13 23.81
O3 NAG C . -0.29 -28.48 23.38
O4 NAG C . 0.82 -31.01 24.09
O5 NAG C . -2.18 -30.88 26.18
O6 NAG C . 1.06 -32.29 26.23
O7 NAG C . -3.89 -26.20 23.01
C1 NAG D . -18.74 -18.12 -2.55
C2 NAG D . -18.71 -17.65 -1.09
C3 NAG D . -20.13 -17.53 -0.54
C4 NAG D . -21.00 -16.65 -1.45
C5 NAG D . -20.95 -17.17 -2.88
C6 NAG D . -21.67 -16.28 -3.86
C7 NAG D . -16.69 -18.28 0.14
C8 NAG D . -16.02 -19.32 0.99
N2 NAG D . -17.92 -18.56 -0.27
O3 NAG D . -20.08 -16.98 0.77
O4 NAG D . -22.34 -16.66 -0.99
O5 NAG D . -19.58 -17.24 -3.34
O6 NAG D . -21.29 -14.92 -3.71
O7 NAG D . -16.12 -17.22 -0.15
C1 NAG E . 12.83 -11.80 -9.12
C2 NAG E . 12.67 -13.32 -8.95
C3 NAG E . 11.56 -13.85 -9.87
C4 NAG E . 11.66 -13.31 -11.28
C5 NAG E . 11.84 -11.79 -11.29
C6 NAG E . 10.78 -11.06 -12.08
C7 NAG E . 14.89 -14.14 -8.30
C8 NAG E . 16.12 -14.87 -8.76
N2 NAG E . 13.92 -13.99 -9.22
O3 NAG E . 10.29 -13.53 -9.31
O4 NAG E . 12.76 -13.91 -11.95
O5 NAG E . 11.77 -11.28 -9.95
O6 NAG E . 10.76 -9.67 -11.76
O7 NAG E . 14.78 -13.71 -7.17
C1 NAG F . -29.87 -36.41 14.27
C2 NAG F . -30.87 -36.00 13.17
C3 NAG F . -32.01 -37.02 13.09
C4 NAG F . -31.47 -38.44 12.91
C5 NAG F . -30.47 -38.76 14.02
C6 NAG F . -29.80 -40.10 13.83
C7 NAG F . -31.16 -33.65 12.54
C8 NAG F . -31.77 -32.34 12.92
N2 NAG F . -31.38 -34.66 13.39
O3 NAG F . -32.87 -36.68 12.00
O4 NAG F . -32.55 -39.37 12.95
O5 NAG F . -29.42 -37.78 14.05
O6 NAG F . -29.46 -40.32 12.47
O7 NAG F . -30.51 -33.80 11.51
#